data_5I0F
#
_entry.id   5I0F
#
_cell.length_a   195.127
_cell.length_b   103.128
_cell.length_c   44.094
_cell.angle_alpha   90.00
_cell.angle_beta   92.14
_cell.angle_gamma   90.00
#
_symmetry.space_group_name_H-M   'C 1 2 1'
#
loop_
_entity.id
_entity.type
_entity.pdbx_description
1 polymer 'Glycoside hydrolase family 31'
2 branched alpha-D-glucopyranose-(1-6)-alpha-D-glucopyranose
3 branched alpha-D-glucopyranose-(1-6)-beta-D-glucopyranose
4 non-polymer 'CALCIUM ION'
5 non-polymer 'TRIETHYLENE GLYCOL'
6 water water
#
_entity_poly.entity_id   1
_entity_poly.type   'polypeptide(L)'
_entity_poly.pdbx_seq_one_letter_code
;MITHRPRGIEHPYARSLDQLYPAIPIAGQSLTIGATTSGPCSRMRCFVLWPEHEQVFDMSPVNGTDSDAALLAGGEGHLA
AAQQAALDADNGWQTSIPHLPDQDATYYFEALTLDGRTETSESFPLTPSHWSAEPVGHIDIDGDRFIPDSPLWLVSSAGT
HRVKFALRIEGDEHVVGFGERYDQLDQRGLRLDSVVFEQYKAQGKHHRTYLPMPFAQVVNEAGRAWGFHVETTRRTWYDV
AATVSDRILIEVDLGFEAEKTPVVRVNTWSGSPTDVLNGFLDVAGRPAEMPEWIFGLWASGNEWNTQSLVMEQMDRHRNE
GIPVSVVVIEAWSDEEGFTIFRDARYVPNQGQPHRGPDFTYPSDGAWPDPAGMIRELHERGIRVILWQIPLQKTDDDLGP
EALAQGNALIASGHVVKEPDGTPYKNRGWWFPNALMPDLSTEAGRQWWTEQRRYLVEDLDIDGFKTDGGEHAWGSDLRYE
DGRRGDEGNNLYPVNYARAYGDLLRSAGKYPVTFSRSGFTGSQAHGLYWAGDEDSTWEAFRSSITAGITAGACGILYWGW
DLAGFSGPVPEAELYARAFAAATFMPIMQYHSEFHHHELPLRDRTPWNVAEQTGCGELIDLARHYTRVREALRPYLVAQT
RQCLQTGKPLMRAMFYDHADDPEIWAHPRQYMLGDELLINPVTAPGATTWTTYLPEGQWEDYWSGEVSEGGHLVTRAVGW
DIIPVYRRVGAAL
;
_entity_poly.pdbx_strand_id   B
#
loop_
_chem_comp.id
_chem_comp.type
_chem_comp.name
_chem_comp.formula
BGC D-saccharide, beta linking beta-D-glucopyranose 'C6 H12 O6'
CA non-polymer 'CALCIUM ION' 'Ca 2'
GLC D-saccharide, alpha linking alpha-D-glucopyranose 'C6 H12 O6'
PGE non-polymer 'TRIETHYLENE GLYCOL' 'C6 H14 O4'
#
# COMPACT_ATOMS: atom_id res chain seq x y z
N MET A 1 36.46 9.11 -0.30
CA MET A 1 35.67 9.29 0.95
C MET A 1 35.06 7.94 1.31
N ILE A 2 35.06 7.65 2.61
CA ILE A 2 34.47 6.43 3.18
C ILE A 2 33.07 6.78 3.68
N THR A 3 32.09 5.94 3.31
CA THR A 3 30.73 6.08 3.80
C THR A 3 30.36 4.90 4.69
N HIS A 4 29.92 5.21 5.89
CA HIS A 4 29.31 4.25 6.77
C HIS A 4 28.10 4.91 7.42
N ARG A 5 26.95 4.26 7.27
CA ARG A 5 25.71 4.68 7.94
C ARG A 5 25.23 3.46 8.71
N PRO A 6 25.25 3.50 10.04
CA PRO A 6 24.91 2.31 10.84
C PRO A 6 23.61 1.61 10.44
N ARG A 7 22.59 2.38 10.05
CA ARG A 7 21.30 1.80 9.63
C ARG A 7 21.15 1.65 8.13
N GLY A 8 22.12 2.15 7.36
CA GLY A 8 22.12 2.01 5.93
C GLY A 8 21.09 2.87 5.22
N ILE A 9 20.62 2.39 4.08
CA ILE A 9 19.65 3.12 3.25
C ILE A 9 18.27 3.07 3.92
N GLU A 10 18.06 2.04 4.73
CA GLU A 10 16.82 1.86 5.54
C GLU A 10 15.62 1.47 4.68
N HIS A 11 15.90 0.71 3.62
CA HIS A 11 14.88 -0.10 2.93
C HIS A 11 14.39 -1.10 4.01
N PRO A 12 13.05 -1.24 4.21
CA PRO A 12 12.63 -2.10 5.34
C PRO A 12 12.97 -3.59 5.25
N TYR A 13 13.28 -4.09 4.06
CA TYR A 13 13.58 -5.49 3.85
C TYR A 13 14.95 -5.79 3.22
N ALA A 14 15.83 -4.79 3.13
CA ALA A 14 17.11 -4.99 2.47
C ALA A 14 18.18 -4.19 3.20
N ARG A 15 19.40 -4.70 3.11
CA ARG A 15 20.57 -4.03 3.66
C ARG A 15 21.39 -3.42 2.54
N SER A 16 21.95 -2.23 2.79
CA SER A 16 22.96 -1.63 1.91
C SER A 16 24.36 -2.09 2.32
N LEU A 17 25.35 -1.74 1.50
CA LEU A 17 26.73 -2.19 1.73
C LEU A 17 27.50 -1.39 2.78
N ASP A 18 26.89 -0.34 3.33
CA ASP A 18 27.57 0.63 4.19
C ASP A 18 27.05 0.63 5.65
N GLN A 19 26.45 -0.47 6.10
CA GLN A 19 25.75 -0.52 7.39
C GLN A 19 26.23 -1.60 8.34
N LEU A 20 25.72 -1.52 9.57
CA LEU A 20 25.77 -2.64 10.50
C LEU A 20 24.60 -3.61 10.26
N TYR A 21 24.85 -4.90 10.44
CA TYR A 21 23.79 -5.93 10.42
C TYR A 21 24.02 -6.95 11.55
N PRO A 22 23.12 -7.02 12.55
CA PRO A 22 21.92 -6.21 12.66
C PRO A 22 22.19 -4.73 12.92
N ALA A 23 21.25 -3.89 12.52
CA ALA A 23 21.43 -2.43 12.59
C ALA A 23 21.48 -1.96 14.04
N ILE A 24 20.77 -2.66 14.93
CA ILE A 24 20.88 -2.50 16.39
C ILE A 24 21.66 -3.74 16.89
N PRO A 25 22.98 -3.58 17.16
CA PRO A 25 23.80 -4.74 17.53
C PRO A 25 23.35 -5.43 18.83
N ILE A 26 23.37 -6.77 18.81
CA ILE A 26 22.95 -7.58 19.95
C ILE A 26 24.18 -8.35 20.46
N ALA A 27 24.48 -8.17 21.75
CA ALA A 27 25.60 -8.88 22.40
C ALA A 27 25.44 -10.39 22.26
N GLY A 28 26.56 -11.07 22.01
CA GLY A 28 26.57 -12.53 21.88
C GLY A 28 26.15 -13.07 20.51
N GLN A 29 25.66 -12.22 19.61
CA GLN A 29 25.28 -12.62 18.25
C GLN A 29 26.37 -12.08 17.31
N SER A 30 26.33 -12.49 16.05
CA SER A 30 27.25 -11.98 15.05
C SER A 30 26.88 -10.54 14.69
N LEU A 31 27.89 -9.74 14.36
CA LEU A 31 27.71 -8.39 13.87
C LEU A 31 28.52 -8.26 12.58
N THR A 32 27.83 -7.97 11.47
CA THR A 32 28.47 -7.69 10.18
C THR A 32 28.63 -6.19 10.03
N ILE A 33 29.83 -5.75 9.65
CA ILE A 33 30.16 -4.33 9.53
C ILE A 33 30.51 -4.02 8.08
N GLY A 34 29.74 -3.12 7.47
CA GLY A 34 29.94 -2.67 6.10
C GLY A 34 30.32 -1.20 5.97
N ALA A 35 31.14 -0.90 4.96
CA ALA A 35 31.48 0.47 4.58
C ALA A 35 31.73 0.50 3.09
N THR A 36 31.53 1.65 2.46
CA THR A 36 31.87 1.84 1.07
C THR A 36 32.89 2.97 0.91
N THR A 37 33.63 2.90 -0.20
CA THR A 37 34.56 3.93 -0.60
C THR A 37 34.07 4.54 -1.92
N SER A 38 34.19 5.87 -2.02
CA SER A 38 33.78 6.61 -3.21
C SER A 38 34.67 6.32 -4.40
N GLY A 39 35.97 6.16 -4.14
CA GLY A 39 36.91 5.75 -5.15
C GLY A 39 37.35 4.32 -4.94
N PRO A 40 38.16 3.80 -5.87
CA PRO A 40 38.74 2.48 -5.68
C PRO A 40 39.94 2.52 -4.71
N CYS A 41 40.01 1.46 -3.89
CA CYS A 41 40.96 1.29 -2.79
C CYS A 41 41.59 -0.10 -2.81
N SER A 42 42.78 -0.21 -2.22
CA SER A 42 43.50 -1.47 -2.15
C SER A 42 43.27 -2.17 -0.81
N ARG A 43 42.85 -1.43 0.22
CA ARG A 43 42.73 -1.96 1.56
C ARG A 43 41.73 -1.12 2.35
N MET A 44 41.00 -1.76 3.24
CA MET A 44 40.15 -1.12 4.21
C MET A 44 40.22 -1.90 5.52
N ARG A 45 40.38 -1.18 6.63
CA ARG A 45 40.40 -1.79 7.95
C ARG A 45 39.43 -1.10 8.88
N CYS A 46 38.83 -1.90 9.76
CA CYS A 46 37.95 -1.39 10.81
C CYS A 46 38.69 -1.51 12.14
N PHE A 47 38.87 -0.38 12.81
CA PHE A 47 39.48 -0.35 14.15
C PHE A 47 38.38 -0.25 15.19
N VAL A 48 38.30 -1.23 16.08
CA VAL A 48 37.28 -1.25 17.13
C VAL A 48 37.98 -1.07 18.49
N LEU A 49 37.64 0.00 19.19
CA LEU A 49 38.26 0.34 20.47
C LEU A 49 37.34 -0.05 21.64
N TRP A 50 37.61 -1.20 22.24
CA TRP A 50 36.92 -1.68 23.45
C TRP A 50 37.53 -1.00 24.70
N PRO A 51 36.84 -1.03 25.85
CA PRO A 51 37.35 -0.32 27.04
C PRO A 51 38.81 -0.63 27.37
N GLU A 52 39.15 -1.92 27.38
CA GLU A 52 40.50 -2.38 27.74
C GLU A 52 41.34 -2.87 26.55
N HIS A 53 40.68 -3.35 25.49
CA HIS A 53 41.35 -3.89 24.29
C HIS A 53 41.03 -3.07 23.04
N GLU A 54 41.90 -3.17 22.05
CA GLU A 54 41.67 -2.58 20.73
C GLU A 54 41.88 -3.70 19.72
N GLN A 55 41.05 -3.76 18.70
CA GLN A 55 41.18 -4.77 17.66
C GLN A 55 40.99 -4.14 16.29
N VAL A 56 41.75 -4.66 15.32
CA VAL A 56 41.76 -4.18 13.94
C VAL A 56 41.30 -5.34 13.08
N PHE A 57 40.32 -5.09 12.21
CA PHE A 57 39.83 -6.09 11.27
C PHE A 57 40.23 -5.69 9.85
N ASP A 58 40.77 -6.64 9.10
CA ASP A 58 41.05 -6.46 7.67
C ASP A 58 39.79 -6.77 6.90
N MET A 59 39.19 -5.75 6.30
CA MET A 59 37.94 -5.91 5.60
C MET A 59 38.19 -6.50 4.21
N SER A 60 37.17 -7.14 3.67
CA SER A 60 37.22 -7.79 2.37
C SER A 60 36.27 -7.10 1.39
N PRO A 61 36.62 -7.05 0.08
CA PRO A 61 35.70 -6.44 -0.85
C PRO A 61 34.52 -7.37 -1.11
N VAL A 62 33.33 -6.80 -1.25
CA VAL A 62 32.12 -7.60 -1.35
C VAL A 62 31.21 -6.97 -2.37
N ASN A 63 30.31 -7.77 -2.94
CA ASN A 63 29.15 -7.24 -3.68
C ASN A 63 27.91 -7.53 -2.86
N GLY A 64 26.83 -6.81 -3.14
CA GLY A 64 25.55 -7.07 -2.46
C GLY A 64 25.09 -8.50 -2.69
N THR A 65 24.38 -9.07 -1.72
CA THR A 65 23.74 -10.39 -1.93
C THR A 65 22.75 -10.27 -3.07
N ASP A 66 22.49 -11.41 -3.72
CA ASP A 66 21.48 -11.52 -4.78
C ASP A 66 20.12 -10.92 -4.35
N SER A 67 19.67 -11.27 -3.15
CA SER A 67 18.43 -10.72 -2.57
C SER A 67 18.50 -9.19 -2.33
N ASP A 68 19.56 -8.71 -1.67
CA ASP A 68 19.69 -7.26 -1.32
C ASP A 68 19.84 -6.34 -2.55
N ALA A 69 20.75 -6.69 -3.46
CA ALA A 69 20.90 -5.98 -4.74
C ALA A 69 19.58 -5.84 -5.49
N ALA A 70 18.84 -6.95 -5.56
CA ALA A 70 17.54 -6.97 -6.25
C ALA A 70 16.55 -5.99 -5.62
N LEU A 71 16.41 -6.10 -4.29
CA LEU A 71 15.44 -5.28 -3.57
C LEU A 71 15.75 -3.78 -3.68
N LEU A 72 17.02 -3.39 -3.60
CA LEU A 72 17.36 -1.96 -3.69
C LEU A 72 17.04 -1.36 -5.06
N ALA A 73 17.06 -2.17 -6.12
CA ALA A 73 16.56 -1.75 -7.46
C ALA A 73 15.02 -1.88 -7.65
N GLY A 74 14.25 -2.09 -6.59
CA GLY A 74 12.79 -2.23 -6.70
C GLY A 74 12.22 -3.63 -6.83
N GLY A 75 13.08 -4.63 -6.70
CA GLY A 75 12.62 -6.01 -6.55
C GLY A 75 12.55 -6.70 -7.88
N GLU A 76 12.13 -7.96 -7.83
CA GLU A 76 12.22 -8.87 -8.97
C GLU A 76 11.25 -8.50 -10.10
N GLY A 77 10.14 -7.83 -9.77
CA GLY A 77 9.26 -7.28 -10.81
C GLY A 77 9.90 -6.22 -11.72
N HIS A 78 10.93 -5.52 -11.22
CA HIS A 78 11.68 -4.52 -12.00
C HIS A 78 12.99 -5.07 -12.60
N LEU A 79 13.17 -6.39 -12.58
CA LEU A 79 14.46 -6.99 -12.93
C LEU A 79 14.34 -8.15 -13.91
N ALA A 80 15.15 -8.09 -14.96
CA ALA A 80 15.32 -9.20 -15.88
C ALA A 80 16.70 -9.09 -16.53
N ALA A 81 17.30 -10.23 -16.81
CA ALA A 81 18.56 -10.30 -17.60
C ALA A 81 18.48 -9.55 -18.94
N ALA A 82 17.29 -9.53 -19.54
CA ALA A 82 17.04 -8.82 -20.83
C ALA A 82 17.45 -7.33 -20.80
N GLN A 83 17.25 -6.68 -19.64
CA GLN A 83 17.67 -5.29 -19.43
C GLN A 83 18.71 -5.23 -18.31
N GLN A 84 19.98 -5.17 -18.72
CA GLN A 84 21.10 -5.24 -17.79
C GLN A 84 21.59 -3.83 -17.39
N ALA A 85 21.53 -3.53 -16.09
CA ALA A 85 22.04 -2.25 -15.56
C ALA A 85 23.55 -2.32 -15.44
N ALA A 86 24.20 -1.15 -15.39
CA ALA A 86 25.64 -1.09 -15.11
C ALA A 86 25.94 -1.64 -13.72
N LEU A 87 27.20 -1.95 -13.47
CA LEU A 87 27.63 -2.40 -12.14
C LEU A 87 27.47 -1.28 -11.10
N ASP A 88 27.44 -1.67 -9.83
CA ASP A 88 27.44 -0.73 -8.71
C ASP A 88 28.73 0.15 -8.76
N ALA A 89 28.53 1.47 -8.76
CA ALA A 89 29.64 2.42 -8.71
C ALA A 89 30.35 2.42 -7.35
N ASP A 90 29.60 2.12 -6.28
CA ASP A 90 30.17 1.99 -4.93
C ASP A 90 30.95 0.69 -4.77
N ASN A 91 31.97 0.75 -3.93
CA ASN A 91 32.86 -0.36 -3.66
C ASN A 91 32.64 -0.73 -2.21
N GLY A 92 31.92 -1.83 -2.00
CA GLY A 92 31.64 -2.32 -0.67
C GLY A 92 32.80 -3.09 -0.08
N TRP A 93 32.99 -2.91 1.23
CA TRP A 93 33.94 -3.66 2.04
C TRP A 93 33.21 -4.17 3.27
N GLN A 94 33.66 -5.32 3.80
CA GLN A 94 32.94 -5.99 4.88
C GLN A 94 33.87 -6.78 5.79
N THR A 95 33.51 -6.79 7.07
CA THR A 95 34.07 -7.72 8.04
C THR A 95 32.95 -8.13 8.97
N SER A 96 33.22 -9.04 9.90
CA SER A 96 32.25 -9.38 10.94
C SER A 96 32.91 -9.75 12.26
N ILE A 97 32.10 -9.70 13.32
CA ILE A 97 32.48 -10.13 14.66
C ILE A 97 31.50 -11.25 14.98
N PRO A 98 31.96 -12.52 15.08
CA PRO A 98 31.03 -13.66 15.24
C PRO A 98 30.23 -13.74 16.55
N HIS A 99 30.76 -13.16 17.64
CA HIS A 99 30.10 -13.18 18.95
C HIS A 99 30.39 -11.88 19.66
N LEU A 100 29.48 -10.93 19.53
CA LEU A 100 29.74 -9.55 19.91
C LEU A 100 29.87 -9.40 21.43
N PRO A 101 31.02 -8.92 21.92
CA PRO A 101 31.13 -8.73 23.37
C PRO A 101 30.09 -7.75 23.91
N ASP A 102 29.62 -7.97 25.14
CA ASP A 102 28.69 -7.04 25.79
C ASP A 102 29.47 -5.90 26.47
N GLN A 103 30.20 -5.14 25.68
CA GLN A 103 30.98 -4.00 26.15
C GLN A 103 30.79 -2.88 25.14
N ASP A 104 30.62 -1.65 25.62
CA ASP A 104 30.52 -0.51 24.72
C ASP A 104 31.89 -0.19 24.10
N ALA A 105 31.85 0.35 22.89
CA ALA A 105 33.06 0.59 22.10
C ALA A 105 32.83 1.75 21.16
N THR A 106 33.88 2.10 20.45
CA THR A 106 33.80 3.02 19.34
C THR A 106 34.54 2.36 18.17
N TYR A 107 34.18 2.72 16.94
CA TYR A 107 34.90 2.17 15.77
C TYR A 107 35.06 3.22 14.69
N TYR A 108 36.07 3.00 13.85
CA TYR A 108 36.30 3.84 12.68
C TYR A 108 36.96 3.02 11.59
N PHE A 109 36.97 3.58 10.38
CA PHE A 109 37.51 2.90 9.21
C PHE A 109 38.71 3.65 8.67
N GLU A 110 39.63 2.91 8.07
CA GLU A 110 40.78 3.47 7.42
C GLU A 110 41.00 2.75 6.09
N ALA A 111 41.06 3.53 4.99
CA ALA A 111 41.26 2.98 3.65
C ALA A 111 42.56 3.47 3.05
N LEU A 112 43.15 2.65 2.17
CA LEU A 112 44.27 3.07 1.33
C LEU A 112 43.79 3.10 -0.13
N THR A 113 43.83 4.28 -0.73
CA THR A 113 43.36 4.45 -2.10
C THR A 113 44.39 3.88 -3.03
N LEU A 114 44.00 3.61 -4.26
CA LEU A 114 44.94 3.10 -5.26
C LEU A 114 46.13 4.01 -5.55
N ASP A 115 45.95 5.33 -5.39
CA ASP A 115 47.05 6.28 -5.57
C ASP A 115 47.87 6.53 -4.30
N GLY A 116 47.55 5.85 -3.20
CA GLY A 116 48.34 5.90 -1.99
C GLY A 116 47.90 6.86 -0.90
N ARG A 117 46.66 7.37 -0.95
CA ARG A 117 46.16 8.25 0.11
C ARG A 117 45.51 7.39 1.19
N THR A 118 45.69 7.79 2.44
CA THR A 118 45.01 7.21 3.58
C THR A 118 43.78 8.05 3.84
N GLU A 119 42.62 7.41 3.83
CA GLU A 119 41.37 8.05 4.24
C GLU A 119 40.90 7.43 5.55
N THR A 120 40.35 8.27 6.42
CA THR A 120 39.89 7.86 7.72
C THR A 120 38.49 8.41 7.96
N SER A 121 37.58 7.56 8.43
CA SER A 121 36.22 7.99 8.72
C SER A 121 36.14 8.71 10.06
N GLU A 122 34.97 9.26 10.34
CA GLU A 122 34.60 9.67 11.70
C GLU A 122 34.55 8.45 12.63
N SER A 123 34.49 8.73 13.92
CA SER A 123 34.27 7.71 14.92
C SER A 123 32.77 7.42 15.09
N PHE A 124 32.42 6.14 15.23
CA PHE A 124 31.05 5.70 15.45
C PHE A 124 30.89 4.92 16.77
N PRO A 125 29.76 5.10 17.48
CA PRO A 125 29.54 4.35 18.71
C PRO A 125 29.05 2.92 18.45
N LEU A 126 29.51 1.99 19.28
CA LEU A 126 28.98 0.64 19.33
C LEU A 126 28.48 0.38 20.75
N THR A 127 27.16 0.24 20.90
CA THR A 127 26.53 0.00 22.21
C THR A 127 25.63 -1.22 22.09
N PRO A 128 26.19 -2.41 22.33
CA PRO A 128 25.43 -3.63 22.19
C PRO A 128 24.22 -3.70 23.13
N SER A 129 23.18 -4.35 22.63
CA SER A 129 21.94 -4.53 23.34
C SER A 129 21.80 -5.97 23.82
N HIS A 130 20.94 -6.17 24.81
CA HIS A 130 20.55 -7.49 25.29
C HIS A 130 19.09 -7.47 25.70
N TRP A 131 18.48 -8.64 25.71
CA TRP A 131 17.08 -8.78 26.10
C TRP A 131 16.97 -8.91 27.61
N SER A 132 16.13 -8.06 28.22
CA SER A 132 15.96 -8.03 29.67
C SER A 132 14.51 -8.30 30.05
N ALA A 133 14.33 -9.18 31.01
CA ALA A 133 13.03 -9.46 31.63
C ALA A 133 12.75 -8.55 32.83
N GLU A 134 13.63 -7.58 33.10
CA GLU A 134 13.39 -6.61 34.16
C GLU A 134 12.26 -5.70 33.71
N PRO A 135 11.52 -5.09 34.67
CA PRO A 135 10.40 -4.21 34.30
C PRO A 135 10.90 -2.83 33.86
N VAL A 136 11.58 -2.81 32.71
CA VAL A 136 12.20 -1.60 32.14
C VAL A 136 11.10 -0.65 31.67
N GLY A 137 10.07 -1.22 31.05
CA GLY A 137 8.87 -0.49 30.67
C GLY A 137 7.62 -1.25 31.10
N HIS A 138 6.50 -0.89 30.49
CA HIS A 138 5.19 -1.36 30.89
C HIS A 138 4.31 -1.52 29.64
N ILE A 139 3.63 -2.67 29.53
CA ILE A 139 2.63 -2.88 28.51
C ILE A 139 1.26 -2.53 29.12
N ASP A 140 0.62 -1.48 28.60
CA ASP A 140 -0.71 -1.06 29.05
C ASP A 140 -1.72 -1.85 28.21
N ILE A 141 -2.24 -2.94 28.79
CA ILE A 141 -3.10 -3.88 28.09
C ILE A 141 -4.10 -4.51 29.09
N ASP A 142 -5.36 -4.62 28.68
CA ASP A 142 -6.44 -5.18 29.49
C ASP A 142 -6.77 -6.57 28.96
N GLY A 143 -7.88 -7.17 29.39
CA GLY A 143 -8.31 -8.45 28.82
C GLY A 143 -7.54 -9.62 29.40
N ASP A 144 -7.75 -10.81 28.85
CA ASP A 144 -7.26 -12.06 29.47
C ASP A 144 -6.23 -12.86 28.66
N ARG A 145 -5.85 -12.39 27.47
CA ARG A 145 -4.88 -13.15 26.64
C ARG A 145 -3.42 -12.75 26.79
N PHE A 146 -3.16 -11.58 27.37
CA PHE A 146 -1.77 -11.15 27.64
C PHE A 146 -1.09 -12.11 28.59
N ILE A 147 0.11 -12.56 28.27
CA ILE A 147 0.92 -13.41 29.11
C ILE A 147 1.81 -12.50 29.97
N PRO A 148 1.46 -12.30 31.25
CA PRO A 148 2.13 -11.24 32.02
C PRO A 148 3.64 -11.37 32.23
N ASP A 149 4.20 -12.58 32.25
CA ASP A 149 5.68 -12.72 32.35
C ASP A 149 6.42 -12.70 30.99
N SER A 150 5.69 -12.46 29.90
CA SER A 150 6.27 -12.51 28.55
C SER A 150 7.13 -11.30 28.13
N PRO A 151 6.89 -10.08 28.65
CA PRO A 151 7.68 -8.96 28.13
C PRO A 151 9.21 -9.07 28.24
N LEU A 152 9.90 -8.91 27.13
CA LEU A 152 11.35 -8.77 27.09
C LEU A 152 11.73 -7.45 26.39
N TRP A 153 12.65 -6.70 26.99
CA TRP A 153 13.00 -5.32 26.53
C TRP A 153 14.42 -5.34 26.01
N LEU A 154 14.62 -4.83 24.79
CA LEU A 154 15.94 -4.83 24.16
C LEU A 154 16.66 -3.55 24.59
N VAL A 155 17.63 -3.69 25.48
CA VAL A 155 18.25 -2.55 26.16
C VAL A 155 19.75 -2.46 25.95
N SER A 156 20.24 -1.24 25.85
CA SER A 156 21.67 -0.95 25.83
C SER A 156 21.94 0.21 26.79
N SER A 157 23.20 0.62 26.88
CA SER A 157 23.54 1.82 27.64
C SER A 157 22.89 3.09 27.06
N ALA A 158 22.57 3.07 25.77
CA ALA A 158 21.86 4.16 25.10
C ALA A 158 20.38 4.25 25.48
N GLY A 159 19.72 3.12 25.72
CA GLY A 159 18.30 3.13 26.09
C GLY A 159 17.61 1.84 25.75
N THR A 160 16.32 1.93 25.39
CA THR A 160 15.46 0.77 25.16
C THR A 160 14.92 0.83 23.73
N HIS A 161 15.23 -0.17 22.93
CA HIS A 161 15.04 -0.06 21.47
C HIS A 161 13.81 -0.78 20.94
N ARG A 162 13.51 -1.94 21.52
CA ARG A 162 12.38 -2.79 21.10
C ARG A 162 11.79 -3.51 22.31
N VAL A 163 10.58 -4.03 22.15
CA VAL A 163 10.01 -4.90 23.18
C VAL A 163 9.34 -6.06 22.49
N LYS A 164 9.37 -7.22 23.11
CA LYS A 164 8.50 -8.28 22.65
C LYS A 164 7.69 -8.88 23.79
N PHE A 165 6.51 -9.36 23.42
CA PHE A 165 5.57 -9.93 24.40
C PHE A 165 4.63 -10.87 23.66
N ALA A 166 3.80 -11.60 24.40
CA ALA A 166 2.95 -12.63 23.82
C ALA A 166 1.52 -12.54 24.27
N LEU A 167 0.64 -13.01 23.37
CA LEU A 167 -0.76 -13.22 23.66
C LEU A 167 -1.14 -14.68 23.43
N ARG A 168 -2.02 -15.19 24.28
CA ARG A 168 -2.49 -16.57 24.15
C ARG A 168 -3.55 -16.71 23.04
N ILE A 169 -3.44 -17.76 22.24
CA ILE A 169 -4.45 -18.13 21.22
C ILE A 169 -4.86 -19.57 21.48
N GLU A 170 -6.14 -19.86 21.28
CA GLU A 170 -6.71 -21.19 21.52
C GLU A 170 -6.82 -22.00 20.23
N GLY A 171 -6.96 -23.31 20.39
CA GLY A 171 -6.80 -24.28 19.30
C GLY A 171 -7.72 -24.13 18.11
N ASP A 172 -8.92 -23.61 18.33
CA ASP A 172 -9.86 -23.40 17.23
C ASP A 172 -9.92 -21.95 16.73
N GLU A 173 -8.95 -21.12 17.11
CA GLU A 173 -8.99 -19.70 16.74
C GLU A 173 -8.26 -19.40 15.44
N HIS A 174 -8.81 -18.44 14.70
CA HIS A 174 -8.30 -17.95 13.42
C HIS A 174 -7.99 -16.47 13.54
N VAL A 175 -6.95 -16.03 12.85
CA VAL A 175 -6.46 -14.67 12.97
C VAL A 175 -6.61 -13.96 11.64
N VAL A 176 -7.43 -12.91 11.60
CA VAL A 176 -7.64 -12.14 10.36
C VAL A 176 -7.37 -10.69 10.65
N GLY A 177 -6.53 -10.08 9.80
CA GLY A 177 -6.22 -8.68 9.91
C GLY A 177 -4.84 -8.33 9.44
N PHE A 178 -4.24 -7.40 10.18
CA PHE A 178 -2.97 -6.77 9.87
C PHE A 178 -3.01 -5.92 8.59
N GLY A 179 -4.22 -5.44 8.26
CA GLY A 179 -4.44 -4.60 7.10
C GLY A 179 -4.71 -5.42 5.85
N GLU A 180 -4.43 -4.82 4.69
CA GLU A 180 -4.64 -5.50 3.41
C GLU A 180 -3.53 -6.55 3.21
N ARG A 181 -3.92 -7.82 3.08
CA ARG A 181 -2.96 -8.90 2.90
C ARG A 181 -3.33 -9.69 1.66
N TYR A 182 -2.30 -10.20 0.99
CA TYR A 182 -2.44 -10.78 -0.36
C TYR A 182 -2.21 -12.29 -0.42
N ASP A 183 -1.77 -12.88 0.69
CA ASP A 183 -1.32 -14.27 0.71
C ASP A 183 -2.42 -15.18 1.17
N GLN A 184 -3.01 -14.90 2.32
CA GLN A 184 -4.14 -15.72 2.80
C GLN A 184 -4.96 -14.95 3.81
N LEU A 185 -6.22 -15.38 3.94
CA LEU A 185 -7.16 -14.74 4.86
C LEU A 185 -6.77 -14.97 6.33
N ASP A 186 -6.56 -16.24 6.68
CA ASP A 186 -6.19 -16.62 8.03
C ASP A 186 -4.66 -16.54 8.14
N GLN A 187 -4.18 -15.60 8.93
CA GLN A 187 -2.76 -15.40 9.12
C GLN A 187 -2.12 -16.36 10.14
N ARG A 188 -2.92 -17.17 10.82
CA ARG A 188 -2.33 -18.15 11.76
C ARG A 188 -1.32 -19.06 11.07
N GLY A 189 -0.17 -19.26 11.71
CA GLY A 189 0.93 -20.03 11.14
C GLY A 189 2.00 -19.22 10.43
N LEU A 190 1.76 -17.91 10.22
CA LEU A 190 2.65 -17.06 9.46
C LEU A 190 3.42 -16.12 10.38
N ARG A 191 4.58 -15.70 9.90
CA ARG A 191 5.32 -14.59 10.47
C ARG A 191 5.23 -13.43 9.48
N LEU A 192 4.90 -12.26 9.97
CA LEU A 192 4.74 -11.09 9.11
C LEU A 192 5.12 -9.82 9.84
N ASP A 193 4.93 -8.67 9.22
CA ASP A 193 5.16 -7.40 9.89
C ASP A 193 4.20 -6.36 9.32
N SER A 194 4.17 -5.19 9.95
CA SER A 194 3.35 -4.08 9.53
C SER A 194 4.22 -2.84 9.36
N VAL A 195 4.69 -2.66 8.11
CA VAL A 195 5.46 -1.50 7.67
C VAL A 195 4.98 -1.14 6.28
N VAL A 196 4.73 0.14 6.04
CA VAL A 196 4.26 0.58 4.74
C VAL A 196 5.41 0.33 3.75
N PHE A 197 5.11 -0.35 2.65
CA PHE A 197 6.16 -0.68 1.65
C PHE A 197 5.58 -0.81 0.26
N GLU A 198 6.32 -0.36 -0.73
CA GLU A 198 5.94 -0.55 -2.12
C GLU A 198 6.53 -1.82 -2.72
N GLN A 199 5.77 -2.91 -2.68
CA GLN A 199 6.13 -4.16 -3.34
C GLN A 199 5.50 -4.14 -4.71
N TYR A 200 6.35 -3.99 -5.75
CA TYR A 200 5.87 -3.87 -7.13
C TYR A 200 5.58 -5.27 -7.64
N LYS A 201 4.29 -5.60 -7.67
CA LYS A 201 3.75 -6.89 -8.11
C LYS A 201 4.08 -8.04 -7.15
N ALA A 202 3.31 -9.13 -7.28
CA ALA A 202 3.50 -10.35 -6.50
C ALA A 202 3.54 -10.09 -4.98
N GLN A 203 2.63 -9.25 -4.48
CA GLN A 203 2.61 -8.91 -3.06
C GLN A 203 2.34 -10.17 -2.20
N GLY A 204 1.49 -11.06 -2.70
CA GLY A 204 1.17 -12.30 -1.99
C GLY A 204 2.33 -13.27 -1.91
N LYS A 205 3.09 -13.39 -2.99
CA LYS A 205 4.30 -14.23 -2.99
C LYS A 205 5.34 -13.72 -2.03
N HIS A 206 5.46 -12.41 -1.90
CA HIS A 206 6.49 -11.83 -1.01
C HIS A 206 6.01 -11.50 0.39
N HIS A 207 4.70 -11.64 0.64
CA HIS A 207 4.11 -11.42 1.99
C HIS A 207 4.32 -9.99 2.51
N ARG A 208 4.08 -9.01 1.64
CA ARG A 208 4.25 -7.60 1.96
C ARG A 208 3.00 -6.86 1.52
N THR A 209 2.89 -5.60 1.91
CA THR A 209 1.70 -4.82 1.59
C THR A 209 1.99 -3.31 1.62
N TYR A 210 1.21 -2.59 0.82
CA TYR A 210 1.12 -1.16 0.81
C TYR A 210 0.34 -0.60 2.01
N LEU A 211 -0.53 -1.41 2.60
CA LEU A 211 -1.54 -0.94 3.55
C LEU A 211 -1.62 -1.88 4.77
N PRO A 212 -0.56 -1.88 5.59
CA PRO A 212 -0.56 -2.70 6.79
C PRO A 212 -1.28 -1.98 7.91
N MET A 213 -1.66 -2.72 8.95
CA MET A 213 -2.12 -2.15 10.23
C MET A 213 -1.68 -3.04 11.38
N PRO A 214 -1.34 -2.45 12.54
CA PRO A 214 -0.94 -3.28 13.69
C PRO A 214 -2.16 -3.71 14.51
N PHE A 215 -3.04 -4.47 13.88
CA PHE A 215 -4.35 -4.86 14.41
C PHE A 215 -4.75 -6.16 13.80
N ALA A 216 -5.40 -7.02 14.58
CA ALA A 216 -6.06 -8.23 14.06
C ALA A 216 -7.19 -8.66 14.98
N GLN A 217 -8.15 -9.38 14.42
CA GLN A 217 -9.20 -10.02 15.20
C GLN A 217 -8.92 -11.51 15.24
N VAL A 218 -9.38 -12.13 16.32
CA VAL A 218 -9.12 -13.53 16.58
C VAL A 218 -10.47 -14.16 16.83
N VAL A 219 -10.84 -15.12 16.00
CA VAL A 219 -12.23 -15.60 15.94
C VAL A 219 -12.22 -17.10 16.18
N ASN A 220 -13.05 -17.56 17.13
CA ASN A 220 -13.16 -19.01 17.41
C ASN A 220 -14.30 -19.62 16.60
N GLU A 221 -14.47 -20.92 16.72
CA GLU A 221 -15.43 -21.64 15.90
C GLU A 221 -16.81 -21.79 16.56
N ALA A 222 -16.96 -21.18 17.73
CA ALA A 222 -18.23 -20.95 18.40
C ALA A 222 -18.86 -19.60 18.05
N GLY A 223 -18.16 -18.75 17.31
CA GLY A 223 -18.67 -17.43 16.94
C GLY A 223 -18.26 -16.26 17.85
N ARG A 224 -17.34 -16.48 18.77
CA ARG A 224 -16.90 -15.38 19.62
C ARG A 224 -15.56 -14.89 19.11
N ALA A 225 -15.30 -13.60 19.35
CA ALA A 225 -14.11 -12.96 18.85
C ALA A 225 -13.49 -12.08 19.91
N TRP A 226 -12.19 -11.89 19.77
CA TRP A 226 -11.49 -10.82 20.46
C TRP A 226 -10.50 -10.19 19.49
N GLY A 227 -9.87 -9.11 19.88
CA GLY A 227 -8.91 -8.47 18.96
C GLY A 227 -7.96 -7.60 19.70
N PHE A 228 -6.92 -7.17 18.99
CA PHE A 228 -5.89 -6.34 19.59
C PHE A 228 -5.35 -5.35 18.58
N HIS A 229 -4.88 -4.23 19.09
CA HIS A 229 -4.32 -3.16 18.29
C HIS A 229 -3.17 -2.58 19.05
N VAL A 230 -1.96 -2.72 18.52
CA VAL A 230 -0.81 -2.11 19.13
C VAL A 230 -0.89 -0.63 18.70
N GLU A 231 -1.11 0.27 19.65
CA GLU A 231 -1.36 1.68 19.34
C GLU A 231 -0.06 2.44 19.09
N THR A 232 0.45 2.29 17.87
CA THR A 232 1.72 2.85 17.47
C THR A 232 1.71 2.99 15.95
N THR A 233 2.51 3.93 15.45
CA THR A 233 2.83 3.99 14.01
C THR A 233 4.27 3.55 13.68
N ARG A 234 4.97 3.03 14.68
CA ARG A 234 6.26 2.41 14.46
C ARG A 234 6.04 0.99 13.94
N ARG A 235 7.11 0.40 13.44
CA ARG A 235 7.06 -0.94 12.87
C ARG A 235 6.77 -1.97 13.95
N THR A 236 5.99 -2.98 13.58
CA THR A 236 5.68 -4.11 14.44
C THR A 236 5.82 -5.39 13.65
N TRP A 237 6.12 -6.47 14.36
CA TRP A 237 6.29 -7.80 13.80
C TRP A 237 5.41 -8.79 14.58
N TYR A 238 4.94 -9.82 13.87
CA TYR A 238 3.97 -10.81 14.40
C TYR A 238 4.40 -12.21 14.01
N ASP A 239 4.55 -13.07 15.01
CA ASP A 239 4.74 -14.50 14.82
C ASP A 239 3.44 -15.13 15.31
N VAL A 240 2.59 -15.47 14.36
CA VAL A 240 1.20 -15.78 14.67
C VAL A 240 1.09 -17.29 14.90
N ALA A 241 1.58 -17.70 16.07
CA ALA A 241 1.57 -19.11 16.43
C ALA A 241 2.31 -20.00 15.43
N ALA A 242 3.42 -19.50 14.89
CA ALA A 242 4.26 -20.26 13.97
C ALA A 242 5.34 -20.94 14.81
N THR A 243 6.09 -20.18 15.61
CA THR A 243 7.16 -20.76 16.46
C THR A 243 6.65 -21.51 17.70
N VAL A 244 5.74 -20.86 18.44
CA VAL A 244 5.08 -21.48 19.59
C VAL A 244 3.60 -21.57 19.20
N SER A 245 3.07 -22.80 19.14
CA SER A 245 1.82 -23.04 18.44
C SER A 245 0.55 -22.49 19.10
N ASP A 246 0.68 -21.94 20.31
CA ASP A 246 -0.43 -21.27 20.99
C ASP A 246 -0.10 -19.85 21.46
N ARG A 247 0.91 -19.23 20.85
CA ARG A 247 1.29 -17.87 21.18
C ARG A 247 1.39 -17.00 19.94
N ILE A 248 0.78 -15.82 20.01
CA ILE A 248 1.06 -14.70 19.10
C ILE A 248 2.18 -13.88 19.75
N LEU A 249 3.37 -13.94 19.17
N LEU A 249 3.36 -13.91 19.16
CA LEU A 249 4.50 -13.16 19.64
CA LEU A 249 4.51 -13.17 19.65
C LEU A 249 4.52 -11.85 18.87
C LEU A 249 4.60 -11.86 18.87
N ILE A 250 4.55 -10.74 19.60
CA ILE A 250 4.49 -9.40 19.04
C ILE A 250 5.79 -8.73 19.40
N GLU A 251 6.44 -8.10 18.43
CA GLU A 251 7.62 -7.29 18.66
C GLU A 251 7.36 -5.88 18.12
N VAL A 252 7.76 -4.87 18.88
CA VAL A 252 7.40 -3.49 18.63
C VAL A 252 8.67 -2.64 18.66
N ASP A 253 8.87 -1.86 17.61
CA ASP A 253 9.94 -0.83 17.62
C ASP A 253 9.55 0.29 18.59
N LEU A 254 10.52 0.77 19.37
CA LEU A 254 10.32 1.86 20.33
C LEU A 254 11.01 3.14 19.87
N GLY A 255 10.88 4.22 20.65
CA GLY A 255 11.43 5.57 20.32
C GLY A 255 12.95 5.72 20.13
N PHE A 256 13.41 6.96 20.04
CA PHE A 256 14.83 7.27 19.73
C PHE A 256 15.50 8.00 20.90
N LYS A 260 13.12 7.94 27.17
CA LYS A 260 11.84 7.97 27.88
C LYS A 260 11.44 6.58 28.38
N THR A 261 10.79 6.54 29.54
CA THR A 261 10.24 5.29 30.08
C THR A 261 9.28 4.74 29.01
N PRO A 262 9.57 3.53 28.48
CA PRO A 262 8.72 3.08 27.39
C PRO A 262 7.42 2.48 27.94
N VAL A 263 6.30 2.93 27.39
CA VAL A 263 4.98 2.38 27.67
C VAL A 263 4.38 2.04 26.32
N VAL A 264 3.96 0.79 26.13
CA VAL A 264 3.27 0.37 24.93
C VAL A 264 1.79 0.14 25.21
N ARG A 265 0.92 0.87 24.55
CA ARG A 265 -0.53 0.69 24.72
C ARG A 265 -1.01 -0.33 23.70
N VAL A 266 -1.77 -1.32 24.17
CA VAL A 266 -2.43 -2.29 23.32
C VAL A 266 -3.92 -2.24 23.62
N ASN A 267 -4.71 -1.76 22.66
CA ASN A 267 -6.17 -1.78 22.80
C ASN A 267 -6.65 -3.19 22.55
N THR A 268 -7.71 -3.59 23.25
CA THR A 268 -8.30 -4.93 23.09
C THR A 268 -9.80 -4.86 23.22
N TRP A 269 -10.48 -5.80 22.57
CA TRP A 269 -11.94 -5.89 22.57
C TRP A 269 -12.34 -7.33 22.54
N SER A 270 -13.56 -7.57 22.97
CA SER A 270 -14.17 -8.88 22.79
C SER A 270 -15.69 -8.80 22.65
N GLY A 271 -16.26 -9.82 22.01
CA GLY A 271 -17.69 -9.87 21.71
C GLY A 271 -17.92 -10.62 20.44
N SER A 272 -18.86 -10.16 19.62
CA SER A 272 -19.03 -10.69 18.26
C SER A 272 -17.89 -10.18 17.39
N PRO A 273 -17.64 -10.81 16.22
CA PRO A 273 -16.63 -10.22 15.31
C PRO A 273 -16.87 -8.74 14.97
N THR A 274 -18.15 -8.40 14.79
CA THR A 274 -18.55 -7.02 14.51
C THR A 274 -18.23 -6.06 15.66
N ASP A 275 -18.48 -6.50 16.90
CA ASP A 275 -18.10 -5.73 18.11
C ASP A 275 -16.61 -5.36 18.09
N VAL A 276 -15.78 -6.34 17.73
CA VAL A 276 -14.33 -6.16 17.72
C VAL A 276 -13.89 -5.14 16.68
N LEU A 277 -14.37 -5.33 15.45
CA LEU A 277 -14.03 -4.38 14.39
C LEU A 277 -14.53 -2.98 14.75
N ASN A 278 -15.72 -2.86 15.31
CA ASN A 278 -16.19 -1.55 15.77
C ASN A 278 -15.33 -0.91 16.84
N GLY A 279 -14.80 -1.72 17.74
CA GLY A 279 -13.86 -1.22 18.73
C GLY A 279 -12.67 -0.56 18.07
N PHE A 280 -12.09 -1.27 17.12
CA PHE A 280 -10.96 -0.75 16.35
C PHE A 280 -11.31 0.53 15.58
N LEU A 281 -12.46 0.53 14.91
CA LEU A 281 -12.91 1.73 14.20
C LEU A 281 -13.13 2.97 15.09
N ASP A 282 -13.61 2.75 16.31
CA ASP A 282 -13.70 3.83 17.29
C ASP A 282 -12.35 4.50 17.56
N VAL A 283 -11.26 3.73 17.52
CA VAL A 283 -9.91 4.25 17.73
C VAL A 283 -9.28 4.78 16.43
N ALA A 284 -9.43 4.03 15.35
CA ALA A 284 -8.78 4.34 14.07
C ALA A 284 -9.44 5.45 13.27
N GLY A 285 -10.76 5.49 13.24
CA GLY A 285 -11.54 6.38 12.38
C GLY A 285 -12.44 5.50 11.53
N ARG A 286 -13.56 6.05 11.10
CA ARG A 286 -14.58 5.29 10.37
C ARG A 286 -14.68 5.75 8.92
N PRO A 287 -15.10 4.87 8.00
CA PRO A 287 -15.35 5.32 6.61
C PRO A 287 -16.34 6.49 6.52
N ALA A 288 -16.04 7.37 5.56
CA ALA A 288 -16.85 8.56 5.24
C ALA A 288 -18.04 8.19 4.36
N GLU A 289 -19.09 9.02 4.36
CA GLU A 289 -20.15 8.93 3.35
C GLU A 289 -19.58 9.26 1.95
N MET A 290 -20.05 8.55 0.93
CA MET A 290 -19.58 8.74 -0.45
C MET A 290 -20.75 8.93 -1.40
N PRO A 291 -20.52 9.61 -2.53
CA PRO A 291 -21.58 9.80 -3.52
C PRO A 291 -21.83 8.52 -4.31
N GLU A 292 -23.05 8.33 -4.80
CA GLU A 292 -23.43 7.09 -5.51
C GLU A 292 -22.62 6.80 -6.77
N TRP A 293 -22.10 7.85 -7.42
CA TRP A 293 -21.34 7.65 -8.67
C TRP A 293 -20.04 6.87 -8.52
N ILE A 294 -19.52 6.70 -7.29
CA ILE A 294 -18.36 5.84 -7.10
C ILE A 294 -18.63 4.37 -7.45
N PHE A 295 -19.91 3.97 -7.52
CA PHE A 295 -20.27 2.58 -7.73
C PHE A 295 -20.49 2.16 -9.17
N GLY A 296 -20.37 3.08 -10.12
CA GLY A 296 -20.38 2.70 -11.55
C GLY A 296 -19.01 2.20 -12.01
N LEU A 297 -18.87 1.84 -13.28
CA LEU A 297 -17.56 1.41 -13.79
C LEU A 297 -16.58 2.58 -13.86
N TRP A 298 -15.38 2.35 -13.36
CA TRP A 298 -14.27 3.30 -13.48
C TRP A 298 -13.41 2.90 -14.69
N ALA A 299 -13.18 3.84 -15.59
CA ALA A 299 -12.30 3.64 -16.76
C ALA A 299 -10.96 4.32 -16.53
N SER A 300 -9.86 3.64 -16.85
CA SER A 300 -8.51 4.20 -16.66
C SER A 300 -7.53 3.56 -17.65
N GLY A 301 -6.50 4.31 -17.99
CA GLY A 301 -5.42 3.82 -18.85
C GLY A 301 -4.31 4.82 -18.86
N ASN A 302 -3.11 4.42 -18.44
CA ASN A 302 -2.03 5.40 -18.36
C ASN A 302 -1.68 6.06 -19.71
N GLU A 303 -1.94 5.36 -20.83
CA GLU A 303 -1.61 5.90 -22.16
C GLU A 303 -2.69 6.78 -22.77
N TRP A 304 -3.72 7.12 -22.00
CA TRP A 304 -4.68 8.14 -22.43
C TRP A 304 -4.11 9.48 -22.00
N ASN A 305 -3.21 10.02 -22.83
CA ASN A 305 -2.41 11.18 -22.45
C ASN A 305 -2.70 12.43 -23.27
N THR A 306 -3.85 12.45 -23.92
CA THR A 306 -4.33 13.61 -24.65
C THR A 306 -5.82 13.65 -24.47
N GLN A 307 -6.38 14.84 -24.69
CA GLN A 307 -7.82 15.03 -24.61
C GLN A 307 -8.53 14.17 -25.65
N SER A 308 -7.92 14.10 -26.84
CA SER A 308 -8.42 13.23 -27.90
C SER A 308 -8.48 11.77 -27.49
N LEU A 309 -7.41 11.26 -26.85
CA LEU A 309 -7.41 9.84 -26.44
C LEU A 309 -8.46 9.55 -25.36
N VAL A 310 -8.65 10.47 -24.41
CA VAL A 310 -9.65 10.27 -23.35
C VAL A 310 -11.04 10.23 -23.98
N MET A 311 -11.33 11.23 -24.79
CA MET A 311 -12.67 11.36 -25.35
C MET A 311 -13.01 10.23 -26.32
N GLU A 312 -12.01 9.71 -27.05
CA GLU A 312 -12.22 8.55 -27.92
C GLU A 312 -12.75 7.34 -27.12
N GLN A 313 -12.17 7.10 -25.96
CA GLN A 313 -12.60 6.00 -25.11
C GLN A 313 -13.95 6.23 -24.46
N MET A 314 -14.23 7.48 -24.06
CA MET A 314 -15.56 7.80 -23.51
C MET A 314 -16.63 7.65 -24.60
N ASP A 315 -16.34 8.11 -25.82
CA ASP A 315 -17.29 7.93 -26.95
C ASP A 315 -17.48 6.43 -27.24
N ARG A 316 -16.41 5.64 -27.14
CA ARG A 316 -16.54 4.19 -27.39
C ARG A 316 -17.42 3.50 -26.34
N HIS A 317 -17.20 3.84 -25.06
CA HIS A 317 -18.10 3.36 -24.00
C HIS A 317 -19.57 3.64 -24.35
N ARG A 318 -19.86 4.86 -24.74
CA ARG A 318 -21.22 5.26 -25.06
C ARG A 318 -21.73 4.48 -26.28
N ASN A 319 -20.93 4.41 -27.33
CA ASN A 319 -21.36 3.70 -28.55
C ASN A 319 -21.52 2.21 -28.34
N GLU A 320 -20.71 1.64 -27.45
CA GLU A 320 -20.83 0.22 -27.14
C GLU A 320 -21.93 -0.09 -26.09
N GLY A 321 -22.55 0.91 -25.49
CA GLY A 321 -23.51 0.67 -24.39
C GLY A 321 -22.91 0.05 -23.13
N ILE A 322 -21.67 0.46 -22.80
CA ILE A 322 -20.98 0.02 -21.60
C ILE A 322 -20.73 1.30 -20.80
N PRO A 323 -21.70 1.68 -19.95
CA PRO A 323 -21.59 2.97 -19.29
C PRO A 323 -20.44 3.03 -18.28
N VAL A 324 -19.85 4.20 -18.16
CA VAL A 324 -18.83 4.47 -17.17
C VAL A 324 -19.32 5.60 -16.30
N SER A 325 -18.99 5.55 -15.01
CA SER A 325 -19.28 6.65 -14.09
C SER A 325 -18.08 7.55 -13.76
N VAL A 326 -16.88 7.05 -13.99
CA VAL A 326 -15.64 7.75 -13.59
C VAL A 326 -14.57 7.47 -14.65
N VAL A 327 -13.84 8.51 -15.01
CA VAL A 327 -12.61 8.35 -15.80
C VAL A 327 -11.44 8.90 -14.99
N VAL A 328 -10.42 8.07 -14.82
CA VAL A 328 -9.15 8.49 -14.23
C VAL A 328 -8.18 8.86 -15.36
N ILE A 329 -7.52 10.02 -15.26
CA ILE A 329 -6.50 10.44 -16.18
C ILE A 329 -5.21 10.56 -15.38
N GLU A 330 -4.20 9.78 -15.78
CA GLU A 330 -2.91 9.76 -15.11
C GLU A 330 -1.91 10.64 -15.79
N ALA A 331 -1.78 10.49 -17.10
CA ALA A 331 -0.84 11.27 -17.90
C ALA A 331 -1.56 12.50 -18.47
N TRP A 332 -1.88 13.43 -17.57
CA TRP A 332 -2.57 14.68 -17.88
C TRP A 332 -1.63 15.89 -17.84
N SER A 333 -0.56 15.80 -17.05
CA SER A 333 0.22 16.99 -16.70
C SER A 333 1.47 17.15 -17.56
N ASP A 334 2.21 18.22 -17.31
CA ASP A 334 3.51 18.44 -17.91
C ASP A 334 4.60 17.39 -17.54
N GLU A 335 4.28 16.48 -16.61
CA GLU A 335 5.19 15.41 -16.16
C GLU A 335 6.46 15.93 -15.45
N GLU A 336 6.38 17.16 -14.97
CA GLU A 336 7.45 17.79 -14.20
C GLU A 336 6.97 18.20 -12.81
N GLY A 337 5.83 18.93 -12.74
CA GLY A 337 5.27 19.43 -11.49
C GLY A 337 3.93 18.85 -11.05
N PHE A 338 3.28 18.09 -11.94
CA PHE A 338 1.96 17.46 -11.66
C PHE A 338 0.91 18.43 -11.13
N THR A 339 0.96 19.65 -11.69
CA THR A 339 0.09 20.74 -11.32
C THR A 339 -0.62 21.42 -12.51
N ILE A 340 -0.02 21.30 -13.69
CA ILE A 340 -0.41 22.01 -14.91
C ILE A 340 -0.59 21.00 -16.04
N PHE A 341 -1.69 21.12 -16.80
CA PHE A 341 -1.94 20.25 -17.94
C PHE A 341 -0.84 20.37 -19.02
N ARG A 342 -0.49 19.24 -19.65
CA ARG A 342 0.58 19.25 -20.66
C ARG A 342 0.25 20.25 -21.79
N ASP A 343 1.29 20.98 -22.21
CA ASP A 343 1.24 22.04 -23.26
C ASP A 343 0.55 23.36 -22.89
N ALA A 344 0.01 23.48 -21.69
CA ALA A 344 -0.60 24.74 -21.27
C ALA A 344 0.46 25.83 -21.24
N ARG A 345 0.07 27.04 -21.60
CA ARG A 345 0.96 28.21 -21.58
C ARG A 345 0.52 29.18 -20.48
N TYR A 346 1.49 29.86 -19.91
CA TYR A 346 1.27 30.70 -18.74
C TYR A 346 2.51 31.59 -18.48
N VAL A 347 2.28 32.63 -17.71
CA VAL A 347 3.35 33.49 -17.22
C VAL A 347 3.99 32.79 -15.99
N PRO A 348 5.33 32.77 -15.88
CA PRO A 348 6.06 32.28 -14.70
C PRO A 348 5.60 32.91 -13.36
N ASN A 349 5.52 32.08 -12.29
CA ASN A 349 4.91 32.43 -10.97
C ASN A 349 5.78 32.65 -9.70
N GLN A 350 7.09 32.40 -9.80
CA GLN A 350 7.98 32.23 -8.63
C GLN A 350 7.51 31.09 -7.69
N GLY A 351 6.86 30.06 -8.27
CA GLY A 351 6.31 28.95 -7.49
C GLY A 351 5.06 29.21 -6.65
N GLN A 352 4.40 30.36 -6.84
CA GLN A 352 3.12 30.67 -6.19
C GLN A 352 1.99 29.81 -6.84
N PRO A 353 0.89 29.57 -6.12
CA PRO A 353 -0.25 28.83 -6.73
C PRO A 353 -0.83 29.54 -7.95
N HIS A 354 -1.19 28.78 -8.99
CA HIS A 354 -1.89 29.30 -10.16
C HIS A 354 -3.41 29.30 -9.99
N ARG A 355 -4.08 30.17 -10.76
CA ARG A 355 -5.53 30.10 -10.97
C ARG A 355 -5.84 29.75 -12.40
N GLY A 356 -7.06 29.26 -12.62
CA GLY A 356 -7.54 28.85 -13.95
C GLY A 356 -7.27 29.83 -15.07
N PRO A 357 -7.59 31.11 -14.86
CA PRO A 357 -7.31 32.16 -15.86
C PRO A 357 -5.84 32.41 -16.20
N ASP A 358 -4.89 31.87 -15.43
CA ASP A 358 -3.47 31.95 -15.82
C ASP A 358 -3.13 31.21 -17.11
N PHE A 359 -3.95 30.26 -17.52
CA PHE A 359 -3.57 29.34 -18.56
C PHE A 359 -4.26 29.57 -19.88
N THR A 360 -3.47 29.47 -20.94
CA THR A 360 -3.95 29.40 -22.31
C THR A 360 -3.57 28.04 -22.85
N TYR A 361 -4.51 27.39 -23.56
CA TYR A 361 -4.32 26.01 -24.01
C TYR A 361 -4.27 26.04 -25.54
N PRO A 362 -3.12 25.68 -26.14
CA PRO A 362 -3.02 25.75 -27.59
C PRO A 362 -4.00 24.81 -28.28
N SER A 363 -4.62 25.28 -29.36
CA SER A 363 -5.54 24.42 -30.12
C SER A 363 -4.86 23.14 -30.64
N ASP A 364 -3.57 23.18 -30.94
CA ASP A 364 -2.82 22.00 -31.38
C ASP A 364 -2.09 21.20 -30.27
N GLY A 365 -2.29 21.57 -29.00
CA GLY A 365 -1.66 20.89 -27.87
C GLY A 365 -2.41 19.65 -27.43
N ALA A 366 -1.86 18.97 -26.43
CA ALA A 366 -2.43 17.71 -25.97
C ALA A 366 -3.80 17.90 -25.31
N TRP A 367 -3.99 19.05 -24.65
CA TRP A 367 -5.24 19.39 -23.96
C TRP A 367 -5.73 20.79 -24.38
N PRO A 368 -6.45 20.89 -25.53
CA PRO A 368 -6.87 22.21 -26.01
C PRO A 368 -7.94 22.89 -25.18
N ASP A 369 -8.70 22.15 -24.37
CA ASP A 369 -9.72 22.77 -23.51
C ASP A 369 -10.08 21.79 -22.39
N PRO A 370 -9.20 21.66 -21.37
CA PRO A 370 -9.51 20.69 -20.32
C PRO A 370 -10.81 21.03 -19.58
N ALA A 371 -11.08 22.31 -19.37
CA ALA A 371 -12.33 22.70 -18.73
C ALA A 371 -13.53 22.23 -19.57
N GLY A 372 -13.42 22.32 -20.90
CA GLY A 372 -14.43 21.82 -21.84
C GLY A 372 -14.64 20.30 -21.83
N MET A 373 -13.54 19.55 -21.78
CA MET A 373 -13.61 18.11 -21.51
C MET A 373 -14.41 17.78 -20.24
N ILE A 374 -14.05 18.42 -19.14
CA ILE A 374 -14.69 18.11 -17.85
C ILE A 374 -16.18 18.48 -17.88
N ARG A 375 -16.51 19.66 -18.42
CA ARG A 375 -17.91 20.07 -18.53
C ARG A 375 -18.72 19.04 -19.35
N GLU A 376 -18.17 18.64 -20.49
CA GLU A 376 -18.88 17.73 -21.36
C GLU A 376 -18.98 16.34 -20.76
N LEU A 377 -17.93 15.87 -20.10
CA LEU A 377 -18.02 14.60 -19.39
C LEU A 377 -19.06 14.67 -18.26
N HIS A 378 -19.09 15.79 -17.52
CA HIS A 378 -20.13 15.99 -16.50
C HIS A 378 -21.55 15.92 -17.10
N GLU A 379 -21.76 16.48 -18.28
CA GLU A 379 -23.08 16.43 -18.92
C GLU A 379 -23.51 15.01 -19.29
N ARG A 380 -22.52 14.16 -19.53
CA ARG A 380 -22.75 12.73 -19.75
C ARG A 380 -22.82 11.89 -18.48
N GLY A 381 -22.76 12.49 -17.30
CA GLY A 381 -22.76 11.74 -16.06
C GLY A 381 -21.48 11.03 -15.72
N ILE A 382 -20.33 11.54 -16.19
CA ILE A 382 -19.01 10.95 -15.94
C ILE A 382 -18.21 11.93 -15.11
N ARG A 383 -17.64 11.45 -14.00
CA ARG A 383 -16.76 12.27 -13.15
C ARG A 383 -15.29 12.06 -13.54
N VAL A 384 -14.45 13.05 -13.20
CA VAL A 384 -13.06 13.06 -13.68
C VAL A 384 -12.10 13.09 -12.49
N ILE A 385 -11.17 12.13 -12.45
CA ILE A 385 -10.18 12.01 -11.38
C ILE A 385 -8.77 12.20 -11.96
N LEU A 386 -7.91 13.02 -11.34
CA LEU A 386 -6.54 13.22 -11.80
C LEU A 386 -5.53 12.61 -10.85
N TRP A 387 -4.47 12.06 -11.42
CA TRP A 387 -3.38 11.41 -10.71
C TRP A 387 -2.44 12.41 -10.04
N GLN A 388 -1.96 12.01 -8.88
CA GLN A 388 -1.00 12.76 -8.05
C GLN A 388 0.02 11.82 -7.44
N ILE A 389 1.14 12.42 -7.02
CA ILE A 389 2.21 11.73 -6.30
C ILE A 389 2.71 12.72 -5.20
N PRO A 390 3.03 12.23 -3.98
CA PRO A 390 3.50 13.17 -2.93
C PRO A 390 5.02 13.31 -2.96
N LEU A 391 5.50 13.77 -4.12
CA LEU A 391 6.92 13.97 -4.41
C LEU A 391 7.06 15.17 -5.36
N GLN A 392 8.20 15.84 -5.28
CA GLN A 392 8.48 16.98 -6.12
C GLN A 392 9.81 16.67 -6.79
N LYS A 393 9.76 16.38 -8.09
CA LYS A 393 10.98 16.04 -8.83
C LYS A 393 12.01 17.17 -8.72
N THR A 394 13.29 16.78 -8.76
CA THR A 394 14.40 17.71 -8.80
C THR A 394 15.41 17.35 -9.92
N ASP A 395 14.97 16.79 -11.04
CA ASP A 395 15.89 16.48 -12.16
C ASP A 395 16.58 17.80 -12.59
N ASP A 396 17.85 17.71 -12.96
CA ASP A 396 18.56 18.83 -13.57
C ASP A 396 17.95 19.36 -14.91
N ASP A 397 17.15 18.53 -15.60
CA ASP A 397 16.50 18.92 -16.88
C ASP A 397 15.02 19.34 -16.78
N LEU A 398 14.56 19.67 -15.58
CA LEU A 398 13.24 20.26 -15.40
C LEU A 398 13.26 21.67 -15.97
N GLY A 399 12.10 22.12 -16.45
CA GLY A 399 11.91 23.49 -16.90
C GLY A 399 11.84 24.45 -15.72
N PRO A 400 11.82 25.78 -16.00
CA PRO A 400 11.86 26.79 -14.93
C PRO A 400 10.71 26.75 -13.94
N GLU A 401 9.50 26.45 -14.41
CA GLU A 401 8.33 26.40 -13.52
C GLU A 401 8.47 25.32 -12.44
N ALA A 402 8.84 24.11 -12.84
CA ALA A 402 9.05 22.99 -11.89
C ALA A 402 10.19 23.28 -10.92
N LEU A 403 11.29 23.85 -11.42
CA LEU A 403 12.38 24.26 -10.56
C LEU A 403 11.94 25.29 -9.54
N ALA A 404 11.19 26.31 -9.97
CA ALA A 404 10.68 27.31 -9.02
C ALA A 404 9.71 26.71 -7.99
N GLN A 405 8.85 25.80 -8.44
CA GLN A 405 7.94 25.11 -7.51
C GLN A 405 8.69 24.33 -6.42
N GLY A 406 9.76 23.63 -6.79
CA GLY A 406 10.60 22.93 -5.81
C GLY A 406 11.34 23.86 -4.86
N ASN A 407 11.85 24.97 -5.39
CA ASN A 407 12.50 25.98 -4.53
C ASN A 407 11.52 26.59 -3.55
N ALA A 408 10.28 26.84 -3.99
CA ALA A 408 9.24 27.39 -3.10
C ALA A 408 8.81 26.37 -2.04
N LEU A 409 8.74 25.09 -2.41
CA LEU A 409 8.47 24.03 -1.45
C LEU A 409 9.54 24.02 -0.34
N ILE A 410 10.80 23.96 -0.73
CA ILE A 410 11.89 23.96 0.26
C ILE A 410 11.80 25.24 1.07
N ALA A 411 11.64 26.37 0.39
CA ALA A 411 11.69 27.65 1.08
C ALA A 411 10.54 27.78 2.09
N SER A 412 9.40 27.14 1.83
CA SER A 412 8.28 27.12 2.76
C SER A 412 8.55 26.40 4.09
N GLY A 413 9.57 25.54 4.13
CA GLY A 413 9.81 24.70 5.28
C GLY A 413 9.02 23.39 5.29
N HIS A 414 7.98 23.28 4.47
CA HIS A 414 7.08 22.15 4.51
C HIS A 414 7.61 20.97 3.68
N VAL A 415 8.83 20.52 4.01
CA VAL A 415 9.44 19.33 3.37
C VAL A 415 9.90 18.38 4.45
N VAL A 416 9.75 17.08 4.22
CA VAL A 416 10.38 16.09 5.12
C VAL A 416 11.90 16.34 5.14
N LYS A 417 12.51 16.32 6.34
CA LYS A 417 13.94 16.64 6.49
C LYS A 417 14.79 15.46 6.94
N GLU A 418 16.04 15.45 6.51
CA GLU A 418 17.06 14.56 7.08
C GLU A 418 17.40 15.08 8.51
N PRO A 419 18.04 14.23 9.34
CA PRO A 419 18.41 14.70 10.70
C PRO A 419 19.21 16.01 10.74
N ASP A 420 20.04 16.30 9.74
CA ASP A 420 20.77 17.59 9.67
C ASP A 420 19.98 18.83 9.21
N GLY A 421 18.68 18.69 8.95
CA GLY A 421 17.83 19.83 8.57
C GLY A 421 17.67 20.07 7.09
N THR A 422 18.45 19.38 6.25
CA THR A 422 18.39 19.57 4.82
C THR A 422 17.23 18.70 4.31
N PRO A 423 16.74 18.97 3.09
CA PRO A 423 15.55 18.22 2.67
C PRO A 423 15.82 16.74 2.41
N TYR A 424 14.85 15.90 2.80
CA TYR A 424 14.91 14.47 2.47
C TYR A 424 14.91 14.33 0.95
N LYS A 425 15.85 13.54 0.43
CA LYS A 425 15.87 13.18 -0.98
C LYS A 425 15.47 11.72 -1.13
N ASN A 426 14.43 11.45 -1.92
CA ASN A 426 13.86 10.10 -1.95
C ASN A 426 14.90 9.02 -2.22
N ARG A 427 14.95 8.02 -1.33
CA ARG A 427 15.91 6.91 -1.41
C ARG A 427 15.45 5.74 -2.27
N GLY A 428 14.18 5.77 -2.68
CA GLY A 428 13.58 4.73 -3.46
C GLY A 428 14.00 4.78 -4.91
N TRP A 429 13.49 3.79 -5.64
CA TRP A 429 13.84 3.59 -7.04
C TRP A 429 12.94 4.43 -7.96
N TRP A 430 11.70 4.66 -7.56
CA TRP A 430 10.73 5.44 -8.37
C TRP A 430 10.79 6.90 -7.94
N PHE A 431 10.94 7.81 -8.89
CA PHE A 431 11.15 9.24 -8.62
C PHE A 431 12.36 9.41 -7.68
N PRO A 432 13.52 8.85 -8.08
CA PRO A 432 14.70 8.87 -7.22
C PRO A 432 15.16 10.31 -6.91
N ASN A 433 15.52 10.57 -5.65
CA ASN A 433 16.02 11.88 -5.18
C ASN A 433 15.01 13.03 -5.19
N ALA A 434 13.73 12.74 -5.43
CA ALA A 434 12.69 13.75 -5.32
C ALA A 434 12.54 14.25 -3.87
N LEU A 435 12.04 15.48 -3.73
CA LEU A 435 11.67 16.05 -2.43
C LEU A 435 10.35 15.45 -2.01
N MET A 436 10.11 15.43 -0.70
CA MET A 436 8.86 14.90 -0.16
C MET A 436 8.19 15.98 0.68
N PRO A 437 6.98 16.43 0.28
CA PRO A 437 6.31 17.44 1.08
C PRO A 437 5.94 16.91 2.46
N ASP A 438 6.00 17.80 3.44
CA ASP A 438 5.66 17.47 4.81
C ASP A 438 4.17 17.72 4.97
N LEU A 439 3.41 16.64 5.03
CA LEU A 439 1.97 16.70 5.14
C LEU A 439 1.51 16.38 6.56
N SER A 440 2.43 16.50 7.53
CA SER A 440 2.15 16.13 8.92
C SER A 440 1.40 17.21 9.71
N THR A 441 1.32 18.44 9.21
CA THR A 441 0.59 19.53 9.86
C THR A 441 -0.39 20.17 8.88
N GLU A 442 -1.38 20.88 9.42
CA GLU A 442 -2.35 21.57 8.57
C GLU A 442 -1.69 22.54 7.60
N ALA A 443 -0.69 23.29 8.07
CA ALA A 443 -0.02 24.26 7.23
C ALA A 443 0.73 23.62 6.06
N GLY A 444 1.38 22.48 6.31
CA GLY A 444 2.06 21.75 5.23
C GLY A 444 1.11 21.12 4.19
N ARG A 445 0.01 20.56 4.67
CA ARG A 445 -1.02 20.01 3.80
C ARG A 445 -1.66 21.10 2.93
N GLN A 446 -1.92 22.25 3.55
CA GLN A 446 -2.49 23.38 2.83
C GLN A 446 -1.55 23.95 1.77
N TRP A 447 -0.26 24.04 2.08
CA TRP A 447 0.72 24.55 1.14
C TRP A 447 0.76 23.67 -0.13
N TRP A 448 0.87 22.37 0.07
CA TRP A 448 0.94 21.43 -1.03
C TRP A 448 -0.34 21.44 -1.87
N THR A 449 -1.50 21.37 -1.21
CA THR A 449 -2.77 21.27 -1.94
C THR A 449 -3.23 22.61 -2.56
N GLU A 450 -2.79 23.74 -2.02
CA GLU A 450 -3.15 25.03 -2.59
C GLU A 450 -2.63 25.15 -4.03
N GLN A 451 -1.48 24.55 -4.31
CA GLN A 451 -0.95 24.46 -5.67
C GLN A 451 -1.94 23.79 -6.67
N ARG A 452 -2.79 22.89 -6.16
CA ARG A 452 -3.78 22.14 -6.96
C ARG A 452 -5.21 22.65 -6.86
N ARG A 453 -5.45 23.69 -6.06
CA ARG A 453 -6.82 24.10 -5.75
C ARG A 453 -7.58 24.49 -7.01
N TYR A 454 -6.91 25.18 -7.93
CA TYR A 454 -7.57 25.62 -9.20
C TYR A 454 -8.13 24.45 -10.04
N LEU A 455 -7.51 23.27 -9.93
CA LEU A 455 -8.01 22.07 -10.63
C LEU A 455 -9.43 21.74 -10.19
N VAL A 456 -9.69 21.88 -8.89
CA VAL A 456 -10.98 21.60 -8.31
C VAL A 456 -11.92 22.81 -8.48
N GLU A 457 -11.46 24.01 -8.11
CA GLU A 457 -12.34 25.18 -8.06
C GLU A 457 -12.63 25.77 -9.43
N ASP A 458 -11.66 25.78 -10.34
CA ASP A 458 -11.78 26.40 -11.66
C ASP A 458 -12.09 25.34 -12.73
N LEU A 459 -11.33 24.26 -12.80
CA LEU A 459 -11.58 23.20 -13.80
C LEU A 459 -12.68 22.19 -13.43
N ASP A 460 -13.02 22.11 -12.15
CA ASP A 460 -14.16 21.33 -11.64
C ASP A 460 -13.92 19.82 -11.63
N ILE A 461 -12.69 19.37 -11.42
CA ILE A 461 -12.46 17.94 -11.25
C ILE A 461 -13.09 17.43 -9.95
N ASP A 462 -13.28 16.11 -9.88
CA ASP A 462 -14.10 15.49 -8.86
C ASP A 462 -13.29 14.68 -7.83
N GLY A 463 -12.00 14.55 -8.03
CA GLY A 463 -11.19 13.81 -7.10
C GLY A 463 -9.79 13.57 -7.60
N PHE A 464 -9.02 12.85 -6.78
CA PHE A 464 -7.63 12.58 -7.07
C PHE A 464 -7.26 11.12 -6.88
N LYS A 465 -6.45 10.57 -7.80
CA LYS A 465 -5.78 9.30 -7.60
C LYS A 465 -4.44 9.60 -6.92
N THR A 466 -4.44 9.48 -5.60
CA THR A 466 -3.33 9.82 -4.73
C THR A 466 -2.43 8.58 -4.64
N ASP A 467 -1.63 8.39 -5.68
CA ASP A 467 -0.72 7.26 -5.81
C ASP A 467 0.54 7.48 -4.95
N GLY A 468 1.27 6.41 -4.70
CA GLY A 468 2.47 6.46 -3.86
C GLY A 468 2.21 6.71 -2.38
N GLY A 469 3.18 7.34 -1.72
CA GLY A 469 3.13 7.61 -0.29
C GLY A 469 4.04 6.74 0.58
N GLU A 470 4.74 5.79 -0.05
CA GLU A 470 5.61 4.81 0.66
C GLU A 470 7.08 5.23 0.65
N HIS A 471 7.39 6.47 0.30
CA HIS A 471 8.75 6.85 -0.12
C HIS A 471 9.71 7.19 1.02
N ALA A 472 9.20 7.44 2.22
CA ALA A 472 10.05 7.91 3.34
C ALA A 472 10.73 6.74 4.00
N TRP A 473 12.06 6.68 3.88
CA TRP A 473 12.86 5.70 4.60
C TRP A 473 13.87 6.47 5.46
N GLY A 474 13.97 6.13 6.73
CA GLY A 474 14.92 6.75 7.65
C GLY A 474 14.27 6.92 8.99
N SER A 475 14.76 6.23 10.00
CA SER A 475 14.18 6.32 11.32
C SER A 475 14.34 7.72 11.95
N ASP A 476 15.33 8.48 11.48
CA ASP A 476 15.69 9.79 12.07
C ASP A 476 15.27 10.99 11.22
N LEU A 477 14.45 10.75 10.20
CA LEU A 477 13.85 11.86 9.45
C LEU A 477 13.05 12.74 10.42
N ARG A 478 12.83 14.00 10.05
CA ARG A 478 12.16 14.98 10.90
C ARG A 478 10.91 15.52 10.21
N TYR A 479 9.82 15.53 10.96
CA TYR A 479 8.53 16.07 10.50
C TYR A 479 8.17 17.28 11.36
N GLU A 480 7.41 18.20 10.76
CA GLU A 480 6.98 19.40 11.46
C GLU A 480 6.01 19.12 12.58
N ASP A 481 5.33 17.98 12.58
CA ASP A 481 4.48 17.59 13.71
C ASP A 481 5.27 17.14 14.96
N GLY A 482 6.60 17.09 14.87
CA GLY A 482 7.44 16.68 16.00
C GLY A 482 7.89 15.22 15.92
N ARG A 483 7.25 14.40 15.10
CA ARG A 483 7.62 13.00 14.99
C ARG A 483 8.92 12.83 14.20
N ARG A 484 9.64 11.76 14.52
CA ARG A 484 10.76 11.32 13.72
C ARG A 484 10.24 10.29 12.73
N GLY A 485 11.09 9.88 11.82
CA GLY A 485 10.66 8.97 10.75
C GLY A 485 10.17 7.63 11.24
N ASP A 486 10.75 7.14 12.32
CA ASP A 486 10.30 5.87 12.86
C ASP A 486 8.82 5.83 13.23
N GLU A 487 8.22 6.99 13.50
CA GLU A 487 6.75 7.13 13.64
C GLU A 487 6.06 7.73 12.43
N GLY A 488 6.69 8.74 11.80
CA GLY A 488 6.07 9.51 10.75
C GLY A 488 5.99 8.85 9.39
N ASN A 489 6.91 7.94 9.11
CA ASN A 489 7.00 7.32 7.78
C ASN A 489 5.79 6.40 7.47
N ASN A 490 5.35 5.58 8.43
CA ASN A 490 4.12 4.77 8.23
C ASN A 490 2.85 5.63 8.22
N LEU A 491 2.87 6.70 8.99
CA LEU A 491 1.78 7.64 9.04
C LEU A 491 1.60 8.44 7.75
N TYR A 492 2.68 8.63 6.99
CA TYR A 492 2.68 9.49 5.81
C TYR A 492 1.45 9.32 4.88
N PRO A 493 1.15 8.08 4.47
CA PRO A 493 0.03 7.94 3.53
C PRO A 493 -1.33 8.34 4.08
N VAL A 494 -1.50 8.27 5.41
CA VAL A 494 -2.72 8.74 6.05
C VAL A 494 -2.85 10.26 5.89
N ASN A 495 -1.77 10.98 6.21
CA ASN A 495 -1.72 12.43 6.07
C ASN A 495 -1.89 12.89 4.61
N TYR A 496 -1.32 12.11 3.69
CA TYR A 496 -1.41 12.38 2.24
C TYR A 496 -2.86 12.32 1.74
N ALA A 497 -3.52 11.21 2.00
CA ALA A 497 -4.94 11.06 1.61
C ALA A 497 -5.79 12.13 2.29
N ARG A 498 -5.57 12.34 3.58
CA ARG A 498 -6.24 13.42 4.30
C ARG A 498 -6.08 14.79 3.65
N ALA A 499 -4.85 15.14 3.24
CA ALA A 499 -4.58 16.46 2.63
C ALA A 499 -5.49 16.71 1.44
N TYR A 500 -5.61 15.72 0.55
CA TYR A 500 -6.41 15.89 -0.66
C TYR A 500 -7.92 15.80 -0.38
N GLY A 501 -8.31 14.93 0.55
CA GLY A 501 -9.70 14.91 1.04
C GLY A 501 -10.15 16.27 1.56
N ASP A 502 -9.28 16.92 2.36
CA ASP A 502 -9.57 18.26 2.90
C ASP A 502 -9.66 19.33 1.79
N LEU A 503 -8.80 19.25 0.77
CA LEU A 503 -8.91 20.15 -0.39
C LEU A 503 -10.29 20.05 -1.03
N LEU A 504 -10.71 18.81 -1.31
CA LEU A 504 -12.01 18.58 -1.93
C LEU A 504 -13.18 19.08 -1.08
N ARG A 505 -13.19 18.72 0.20
CA ARG A 505 -14.18 19.22 1.15
C ARG A 505 -14.23 20.74 1.16
N SER A 506 -13.08 21.40 1.15
CA SER A 506 -13.03 22.88 1.18
C SER A 506 -13.59 23.52 -0.07
N ALA A 507 -13.61 22.77 -1.18
CA ALA A 507 -14.13 23.22 -2.44
C ALA A 507 -15.56 22.74 -2.72
N GLY A 508 -16.28 22.28 -1.69
CA GLY A 508 -17.68 21.88 -1.87
C GLY A 508 -17.90 20.51 -2.47
N LYS A 509 -16.91 19.62 -2.39
CA LYS A 509 -17.00 18.31 -3.01
C LYS A 509 -16.81 17.16 -2.01
N TYR A 510 -17.28 15.97 -2.38
CA TYR A 510 -16.97 14.77 -1.62
C TYR A 510 -15.46 14.45 -1.68
N PRO A 511 -14.89 13.86 -0.60
CA PRO A 511 -13.45 13.62 -0.52
C PRO A 511 -13.08 12.32 -1.22
N VAL A 512 -13.25 12.33 -2.54
CA VAL A 512 -12.99 11.16 -3.34
C VAL A 512 -11.50 11.17 -3.69
N THR A 513 -10.71 10.56 -2.81
CA THR A 513 -9.34 10.19 -3.12
C THR A 513 -9.26 8.68 -3.36
N PHE A 514 -8.28 8.24 -4.14
CA PHE A 514 -8.14 6.84 -4.56
C PHE A 514 -6.65 6.53 -4.37
N SER A 515 -6.33 5.76 -3.32
CA SER A 515 -4.95 5.51 -2.87
C SER A 515 -4.64 4.02 -2.84
N ARG A 516 -3.35 3.67 -2.88
CA ARG A 516 -2.90 2.29 -2.69
C ARG A 516 -2.25 2.08 -1.33
N SER A 517 -1.68 3.11 -0.73
CA SER A 517 -1.01 2.92 0.54
C SER A 517 -1.79 3.57 1.68
N GLY A 518 -1.47 3.08 2.86
CA GLY A 518 -2.14 3.51 4.09
C GLY A 518 -1.65 2.82 5.34
N PHE A 519 -2.33 3.15 6.45
CA PHE A 519 -2.01 2.70 7.79
C PHE A 519 -3.26 2.92 8.65
N THR A 520 -3.18 2.64 9.94
CA THR A 520 -4.25 2.97 10.89
C THR A 520 -4.68 4.42 10.68
N GLY A 521 -5.99 4.64 10.54
CA GLY A 521 -6.56 5.95 10.20
C GLY A 521 -6.96 6.13 8.74
N SER A 522 -6.38 5.33 7.82
CA SER A 522 -6.77 5.36 6.42
C SER A 522 -8.27 5.07 6.16
N GLN A 523 -8.92 4.38 7.09
CA GLN A 523 -10.35 4.06 7.00
C GLN A 523 -11.22 5.33 6.76
N ALA A 524 -10.81 6.46 7.33
CA ALA A 524 -11.54 7.71 7.21
C ALA A 524 -11.33 8.49 5.90
N HIS A 525 -10.37 8.08 5.07
CA HIS A 525 -9.88 8.95 4.00
C HIS A 525 -10.01 8.28 2.63
N GLY A 526 -11.21 8.33 2.08
CA GLY A 526 -11.45 7.97 0.70
C GLY A 526 -11.48 6.50 0.37
N LEU A 527 -11.03 6.20 -0.85
CA LEU A 527 -11.08 4.90 -1.50
C LEU A 527 -9.69 4.32 -1.69
N TYR A 528 -9.64 2.99 -1.86
CA TYR A 528 -8.39 2.25 -1.97
C TYR A 528 -8.43 1.24 -3.09
N TRP A 529 -7.30 1.03 -3.76
CA TRP A 529 -7.17 -0.08 -4.69
C TRP A 529 -5.95 -0.89 -4.31
N ALA A 530 -5.91 -2.14 -4.79
CA ALA A 530 -4.94 -3.14 -4.36
C ALA A 530 -3.53 -3.00 -4.98
N GLY A 531 -3.29 -1.95 -5.75
CA GLY A 531 -1.95 -1.67 -6.30
C GLY A 531 -1.63 -2.43 -7.57
N ASP A 532 -0.35 -2.69 -7.77
CA ASP A 532 0.17 -3.11 -9.06
C ASP A 532 0.32 -4.61 -9.16
N GLU A 533 -0.26 -5.22 -10.20
CA GLU A 533 -0.06 -6.64 -10.44
C GLU A 533 0.03 -7.02 -11.92
N ASP A 534 0.54 -8.22 -12.15
CA ASP A 534 0.51 -8.89 -13.44
C ASP A 534 -0.90 -9.41 -13.75
N SER A 535 -1.15 -9.66 -15.03
CA SER A 535 -2.40 -10.23 -15.48
C SER A 535 -2.32 -11.75 -15.43
N THR A 536 -2.48 -12.28 -14.22
CA THR A 536 -2.39 -13.71 -13.95
C THR A 536 -3.53 -14.21 -13.06
N TRP A 537 -3.77 -15.53 -13.12
CA TRP A 537 -4.75 -16.15 -12.23
C TRP A 537 -4.33 -16.03 -10.75
N GLU A 538 -3.04 -16.20 -10.47
CA GLU A 538 -2.56 -16.07 -9.09
C GLU A 538 -2.79 -14.65 -8.54
N ALA A 539 -2.57 -13.64 -9.38
CA ALA A 539 -2.82 -12.27 -8.95
C ALA A 539 -4.31 -11.98 -8.69
N PHE A 540 -5.18 -12.55 -9.51
CA PHE A 540 -6.63 -12.51 -9.32
C PHE A 540 -7.00 -13.08 -7.93
N ARG A 541 -6.53 -14.29 -7.64
CA ARG A 541 -6.79 -14.88 -6.32
C ARG A 541 -6.25 -14.02 -5.18
N SER A 542 -5.03 -13.52 -5.34
CA SER A 542 -4.43 -12.63 -4.31
C SER A 542 -5.22 -11.37 -4.09
N SER A 543 -5.77 -10.83 -5.18
CA SER A 543 -6.55 -9.60 -5.11
C SER A 543 -7.86 -9.82 -4.34
N ILE A 544 -8.51 -10.96 -4.49
CA ILE A 544 -9.71 -11.27 -3.69
C ILE A 544 -9.38 -11.26 -2.18
N THR A 545 -8.28 -11.93 -1.83
CA THR A 545 -7.76 -11.93 -0.48
C THR A 545 -7.48 -10.52 0.05
N ALA A 546 -6.86 -9.71 -0.78
CA ALA A 546 -6.57 -8.32 -0.43
C ALA A 546 -7.83 -7.53 -0.08
N GLY A 547 -8.90 -7.72 -0.85
CA GLY A 547 -10.13 -6.98 -0.61
C GLY A 547 -10.86 -7.41 0.65
N ILE A 548 -10.91 -8.72 0.89
CA ILE A 548 -11.54 -9.27 2.09
C ILE A 548 -10.78 -8.86 3.35
N THR A 549 -9.45 -8.97 3.31
CA THR A 549 -8.63 -8.62 4.47
C THR A 549 -8.66 -7.10 4.71
N ALA A 550 -8.63 -6.30 3.64
CA ALA A 550 -8.71 -4.84 3.79
C ALA A 550 -10.07 -4.49 4.44
N GLY A 551 -11.14 -5.12 3.96
CA GLY A 551 -12.49 -4.95 4.53
C GLY A 551 -12.56 -5.26 6.02
N ALA A 552 -11.87 -6.34 6.40
CA ALA A 552 -11.82 -6.79 7.79
C ALA A 552 -11.01 -5.88 8.73
N CYS A 553 -10.34 -4.85 8.19
CA CYS A 553 -9.70 -3.81 8.99
C CYS A 553 -10.33 -2.44 8.78
N GLY A 554 -11.50 -2.40 8.15
CA GLY A 554 -12.26 -1.19 7.99
C GLY A 554 -12.00 -0.37 6.75
N ILE A 555 -11.31 -0.94 5.75
CA ILE A 555 -11.13 -0.29 4.45
C ILE A 555 -12.33 -0.73 3.63
N LEU A 556 -13.34 0.13 3.57
CA LEU A 556 -14.66 -0.19 3.01
C LEU A 556 -14.70 -0.09 1.48
N TYR A 557 -14.19 1.01 0.94
CA TYR A 557 -14.33 1.34 -0.47
C TYR A 557 -13.07 0.88 -1.24
N TRP A 558 -13.00 -0.41 -1.46
CA TRP A 558 -11.85 -1.07 -2.00
C TRP A 558 -12.14 -1.56 -3.40
N GLY A 559 -11.13 -1.48 -4.25
CA GLY A 559 -11.15 -2.14 -5.56
C GLY A 559 -9.77 -2.56 -6.00
N TRP A 560 -9.68 -2.89 -7.27
CA TRP A 560 -8.43 -3.43 -7.85
C TRP A 560 -8.48 -3.25 -9.37
N ASP A 561 -7.32 -3.38 -10.00
CA ASP A 561 -7.22 -3.33 -11.46
C ASP A 561 -7.70 -4.67 -12.00
N LEU A 562 -8.93 -4.75 -12.47
CA LEU A 562 -9.47 -6.06 -12.81
C LEU A 562 -8.63 -6.72 -13.91
N ALA A 563 -8.28 -8.00 -13.70
CA ALA A 563 -7.44 -8.78 -14.58
C ALA A 563 -6.00 -8.33 -14.73
N GLY A 564 -5.54 -7.43 -13.85
CA GLY A 564 -4.16 -6.95 -13.88
C GLY A 564 -3.90 -5.81 -14.87
N PHE A 565 -2.97 -4.94 -14.50
CA PHE A 565 -2.66 -3.78 -15.33
C PHE A 565 -1.35 -3.88 -16.12
N SER A 566 -0.49 -4.83 -15.77
CA SER A 566 0.90 -4.89 -16.28
C SER A 566 1.07 -6.02 -17.28
N GLY A 567 1.87 -5.77 -18.31
CA GLY A 567 2.19 -6.77 -19.33
C GLY A 567 1.18 -6.82 -20.45
N PRO A 568 1.35 -7.76 -21.37
CA PRO A 568 0.35 -7.99 -22.41
C PRO A 568 -1.06 -8.07 -21.82
N VAL A 569 -2.07 -7.73 -22.61
CA VAL A 569 -3.46 -7.84 -22.09
C VAL A 569 -3.73 -9.27 -21.52
N PRO A 570 -4.60 -9.37 -20.49
CA PRO A 570 -4.97 -10.67 -19.97
C PRO A 570 -5.60 -11.53 -21.05
N GLU A 571 -5.37 -12.84 -20.98
CA GLU A 571 -6.06 -13.80 -21.86
C GLU A 571 -7.57 -13.63 -21.68
N ALA A 572 -8.33 -14.00 -22.71
CA ALA A 572 -9.78 -13.68 -22.72
C ALA A 572 -10.48 -14.25 -21.49
N GLU A 573 -10.16 -15.49 -21.13
CA GLU A 573 -10.85 -16.18 -20.06
C GLU A 573 -10.64 -15.49 -18.69
N LEU A 574 -9.41 -15.02 -18.46
CA LEU A 574 -9.10 -14.28 -17.25
C LEU A 574 -9.85 -12.98 -17.22
N TYR A 575 -9.85 -12.24 -18.32
CA TYR A 575 -10.61 -11.00 -18.39
C TYR A 575 -12.09 -11.24 -18.07
N ALA A 576 -12.67 -12.27 -18.66
CA ALA A 576 -14.06 -12.62 -18.38
C ALA A 576 -14.34 -12.91 -16.93
N ARG A 577 -13.52 -13.78 -16.30
CA ARG A 577 -13.77 -14.17 -14.91
C ARG A 577 -13.53 -12.99 -13.96
N ALA A 578 -12.51 -12.20 -14.24
CA ALA A 578 -12.15 -11.08 -13.41
C ALA A 578 -13.16 -9.94 -13.53
N PHE A 579 -13.68 -9.71 -14.74
CA PHE A 579 -14.69 -8.68 -14.97
C PHE A 579 -15.97 -9.03 -14.19
N ALA A 580 -16.36 -10.31 -14.23
CA ALA A 580 -17.54 -10.80 -13.48
C ALA A 580 -17.34 -10.62 -11.97
N ALA A 581 -16.15 -10.97 -11.48
CA ALA A 581 -15.87 -10.83 -10.07
C ALA A 581 -15.91 -9.38 -9.63
N ALA A 582 -15.26 -8.52 -10.43
CA ALA A 582 -15.17 -7.10 -10.13
C ALA A 582 -16.55 -6.45 -10.04
N THR A 583 -17.51 -6.99 -10.78
CA THR A 583 -18.91 -6.54 -10.75
C THR A 583 -19.53 -6.63 -9.34
N PHE A 584 -19.06 -7.58 -8.54
CA PHE A 584 -19.56 -7.80 -7.18
C PHE A 584 -18.51 -7.44 -6.11
N MET A 585 -17.77 -6.35 -6.34
CA MET A 585 -16.85 -5.77 -5.38
C MET A 585 -17.13 -4.29 -5.19
N PRO A 586 -16.56 -3.67 -4.13
CA PRO A 586 -16.99 -2.28 -3.82
C PRO A 586 -16.70 -1.26 -4.93
N ILE A 587 -15.47 -1.26 -5.47
CA ILE A 587 -15.08 -0.37 -6.57
C ILE A 587 -14.67 -1.24 -7.75
N MET A 588 -15.32 -0.99 -8.88
CA MET A 588 -15.14 -1.74 -10.12
C MET A 588 -14.39 -0.86 -11.12
N GLN A 589 -13.20 -1.30 -11.52
CA GLN A 589 -12.29 -0.47 -12.29
C GLN A 589 -11.35 -1.28 -13.15
N TYR A 590 -11.16 -0.85 -14.39
CA TYR A 590 -10.09 -1.40 -15.25
C TYR A 590 -8.99 -0.34 -15.43
N HIS A 591 -7.77 -0.81 -15.67
CA HIS A 591 -6.59 0.05 -15.73
C HIS A 591 -5.48 -0.62 -16.52
N SER A 592 -4.57 0.17 -17.05
CA SER A 592 -3.38 -0.34 -17.74
C SER A 592 -2.12 0.49 -17.46
N GLU A 593 -1.04 -0.23 -17.31
CA GLU A 593 0.26 0.38 -17.03
C GLU A 593 0.86 1.03 -18.28
N PHE A 594 1.66 2.07 -18.05
CA PHE A 594 2.50 2.74 -19.06
C PHE A 594 3.33 1.71 -19.81
N HIS A 595 3.43 1.89 -21.12
CA HIS A 595 4.15 0.98 -22.04
C HIS A 595 4.87 1.79 -23.16
N HIS A 596 5.24 3.05 -22.85
CA HIS A 596 5.95 3.94 -23.79
C HIS A 596 5.23 4.12 -25.13
N HIS A 597 3.90 4.01 -25.13
CA HIS A 597 3.08 4.02 -26.34
C HIS A 597 3.61 3.08 -27.43
N GLU A 598 4.16 1.94 -27.02
CA GLU A 598 4.63 0.91 -27.94
C GLU A 598 3.46 0.10 -28.47
N LEU A 599 3.75 -0.72 -29.47
CA LEU A 599 2.75 -1.60 -30.03
C LEU A 599 2.88 -2.99 -29.39
N PRO A 600 1.81 -3.75 -29.24
CA PRO A 600 0.42 -3.36 -29.48
C PRO A 600 -0.14 -2.59 -28.29
N LEU A 601 -1.32 -2.01 -28.47
CA LEU A 601 -2.00 -1.26 -27.41
C LEU A 601 -2.26 -2.17 -26.22
N ARG A 602 -2.02 -1.64 -25.01
CA ARG A 602 -2.18 -2.45 -23.80
C ARG A 602 -3.37 -2.06 -22.92
N ASP A 603 -4.27 -1.21 -23.42
CA ASP A 603 -5.48 -0.85 -22.69
C ASP A 603 -6.23 -2.12 -22.25
N ARG A 604 -6.83 -2.07 -21.05
CA ARG A 604 -7.71 -3.11 -20.53
C ARG A 604 -9.19 -2.80 -20.80
N THR A 605 -9.43 -2.04 -21.86
CA THR A 605 -10.79 -1.82 -22.33
C THR A 605 -11.35 -3.13 -22.91
N PRO A 606 -12.67 -3.32 -22.86
CA PRO A 606 -13.23 -4.55 -23.39
C PRO A 606 -12.92 -4.79 -24.85
N TRP A 607 -12.92 -3.70 -25.62
CA TRP A 607 -12.62 -3.74 -27.07
C TRP A 607 -11.16 -4.03 -27.39
N ASN A 608 -10.21 -3.41 -26.69
CA ASN A 608 -8.80 -3.73 -26.93
C ASN A 608 -8.48 -5.18 -26.56
N VAL A 609 -8.98 -5.63 -25.42
CA VAL A 609 -8.75 -7.02 -25.00
C VAL A 609 -9.37 -7.98 -26.01
N ALA A 610 -10.60 -7.69 -26.45
CA ALA A 610 -11.26 -8.50 -27.48
C ALA A 610 -10.42 -8.56 -28.75
N GLU A 611 -9.90 -7.40 -29.17
CA GLU A 611 -9.07 -7.33 -30.38
C GLU A 611 -7.80 -8.16 -30.23
N GLN A 612 -7.05 -7.97 -29.14
CA GLN A 612 -5.75 -8.62 -28.98
C GLN A 612 -5.90 -10.12 -28.75
N THR A 613 -7.00 -10.55 -28.11
CA THR A 613 -7.22 -11.98 -27.85
C THR A 613 -7.98 -12.70 -28.95
N GLY A 614 -8.48 -11.98 -29.95
CA GLY A 614 -9.38 -12.55 -30.95
C GLY A 614 -10.71 -13.03 -30.37
N CYS A 615 -11.11 -12.52 -29.19
CA CYS A 615 -12.32 -13.00 -28.53
C CYS A 615 -13.39 -11.93 -28.53
N GLY A 616 -14.13 -11.88 -29.63
CA GLY A 616 -15.09 -10.81 -29.86
C GLY A 616 -16.21 -10.78 -28.84
N GLU A 617 -16.62 -11.93 -28.32
CA GLU A 617 -17.67 -11.98 -27.28
C GLU A 617 -17.35 -11.22 -25.94
N LEU A 618 -16.09 -10.84 -25.72
CA LEU A 618 -15.77 -10.05 -24.52
C LEU A 618 -16.49 -8.71 -24.46
N ILE A 619 -16.81 -8.11 -25.61
CA ILE A 619 -17.53 -6.83 -25.60
C ILE A 619 -18.97 -7.07 -25.10
N ASP A 620 -19.65 -8.09 -25.64
CA ASP A 620 -20.99 -8.47 -25.15
C ASP A 620 -20.96 -8.85 -23.67
N LEU A 621 -19.91 -9.55 -23.24
CA LEU A 621 -19.77 -9.89 -21.81
C LEU A 621 -19.65 -8.64 -20.93
N ALA A 622 -18.86 -7.66 -21.36
CA ALA A 622 -18.73 -6.42 -20.61
C ALA A 622 -20.06 -5.64 -20.56
N ARG A 623 -20.81 -5.65 -21.68
CA ARG A 623 -22.17 -5.08 -21.70
C ARG A 623 -23.04 -5.74 -20.63
N HIS A 624 -23.06 -7.08 -20.66
CA HIS A 624 -23.83 -7.89 -19.70
C HIS A 624 -23.49 -7.57 -18.24
N TYR A 625 -22.21 -7.66 -17.89
CA TYR A 625 -21.82 -7.38 -16.50
C TYR A 625 -21.96 -5.90 -16.11
N THR A 626 -21.82 -4.97 -17.06
CA THR A 626 -22.04 -3.57 -16.72
C THR A 626 -23.52 -3.29 -16.51
N ARG A 627 -24.41 -3.98 -17.23
CA ARG A 627 -25.85 -3.93 -16.91
C ARG A 627 -26.10 -4.47 -15.50
N VAL A 628 -25.45 -5.56 -15.12
CA VAL A 628 -25.56 -6.11 -13.78
C VAL A 628 -25.06 -5.09 -12.74
N ARG A 629 -23.92 -4.48 -13.04
CA ARG A 629 -23.35 -3.48 -12.15
C ARG A 629 -24.34 -2.30 -11.93
N GLU A 630 -24.96 -1.86 -13.02
CA GLU A 630 -25.93 -0.76 -12.92
C GLU A 630 -27.11 -1.17 -12.05
N ALA A 631 -27.65 -2.38 -12.27
CA ALA A 631 -28.74 -2.92 -11.45
C ALA A 631 -28.37 -3.08 -9.97
N LEU A 632 -27.09 -3.31 -9.67
CA LEU A 632 -26.61 -3.41 -8.30
C LEU A 632 -26.47 -2.07 -7.60
N ARG A 633 -26.51 -0.96 -8.32
CA ARG A 633 -26.22 0.33 -7.67
C ARG A 633 -27.05 0.61 -6.41
N PRO A 634 -28.40 0.44 -6.49
CA PRO A 634 -29.21 0.71 -5.29
C PRO A 634 -28.83 -0.19 -4.11
N TYR A 635 -28.48 -1.44 -4.38
CA TYR A 635 -28.01 -2.37 -3.36
C TYR A 635 -26.68 -1.91 -2.74
N LEU A 636 -25.72 -1.52 -3.58
CA LEU A 636 -24.43 -1.04 -3.11
C LEU A 636 -24.59 0.22 -2.25
N VAL A 637 -25.42 1.15 -2.70
CA VAL A 637 -25.68 2.37 -1.95
C VAL A 637 -26.32 2.07 -0.58
N ALA A 638 -27.36 1.22 -0.55
CA ALA A 638 -28.05 0.93 0.70
C ALA A 638 -27.16 0.12 1.67
N GLN A 639 -26.45 -0.88 1.16
CA GLN A 639 -25.63 -1.74 2.01
C GLN A 639 -24.43 -0.96 2.60
N THR A 640 -23.86 -0.08 1.78
CA THR A 640 -22.82 0.85 2.26
C THR A 640 -23.32 1.75 3.40
N ARG A 641 -24.48 2.37 3.22
CA ARG A 641 -25.09 3.14 4.32
C ARG A 641 -25.25 2.27 5.57
N GLN A 642 -25.75 1.05 5.41
CA GLN A 642 -25.85 0.12 6.54
C GLN A 642 -24.48 -0.17 7.17
N CYS A 643 -23.48 -0.40 6.34
CA CYS A 643 -22.11 -0.64 6.83
C CYS A 643 -21.55 0.50 7.70
N LEU A 644 -21.90 1.74 7.37
CA LEU A 644 -21.45 2.88 8.16
C LEU A 644 -22.10 2.86 9.54
N GLN A 645 -23.37 2.44 9.62
CA GLN A 645 -24.04 2.28 10.91
C GLN A 645 -23.53 1.06 11.69
N THR A 646 -23.36 -0.08 11.02
CA THR A 646 -23.05 -1.31 11.75
C THR A 646 -21.56 -1.51 12.02
N GLY A 647 -20.69 -0.93 11.18
CA GLY A 647 -19.26 -1.16 11.27
C GLY A 647 -18.76 -2.38 10.50
N LYS A 648 -19.67 -3.14 9.88
CA LYS A 648 -19.29 -4.26 9.04
C LYS A 648 -18.66 -3.85 7.68
N PRO A 649 -17.82 -4.71 7.12
CA PRO A 649 -17.34 -4.50 5.75
C PRO A 649 -18.46 -4.65 4.72
N LEU A 650 -18.25 -4.11 3.52
CA LEU A 650 -19.13 -4.36 2.38
C LEU A 650 -18.64 -5.63 1.71
N MET A 651 -17.36 -5.69 1.37
CA MET A 651 -16.72 -6.92 0.91
C MET A 651 -16.26 -7.69 2.14
N ARG A 652 -17.04 -8.71 2.50
CA ARG A 652 -17.16 -9.13 3.89
C ARG A 652 -16.80 -10.59 4.07
N ALA A 653 -15.74 -10.86 4.83
CA ALA A 653 -15.41 -12.24 5.16
C ALA A 653 -16.62 -12.95 5.81
N MET A 654 -16.68 -14.25 5.62
CA MET A 654 -17.82 -15.05 6.07
C MET A 654 -18.01 -15.05 7.58
N PHE A 655 -16.90 -14.89 8.32
CA PHE A 655 -16.95 -14.96 9.77
C PHE A 655 -17.75 -13.84 10.42
N TYR A 656 -18.00 -12.72 9.73
CA TYR A 656 -18.77 -11.63 10.33
C TYR A 656 -20.22 -12.05 10.63
N ASP A 657 -20.83 -12.81 9.72
CA ASP A 657 -22.22 -13.22 9.87
C ASP A 657 -22.37 -14.71 10.15
N HIS A 658 -21.31 -15.53 9.96
CA HIS A 658 -21.41 -16.99 10.08
C HIS A 658 -20.25 -17.64 10.87
N ALA A 659 -19.73 -16.93 11.88
CA ALA A 659 -18.57 -17.44 12.66
C ALA A 659 -18.83 -18.70 13.49
N ASP A 660 -20.09 -19.04 13.77
CA ASP A 660 -20.36 -20.29 14.49
C ASP A 660 -20.34 -21.55 13.58
N ASP A 661 -20.03 -21.39 12.30
CA ASP A 661 -19.95 -22.49 11.36
C ASP A 661 -18.48 -22.72 10.98
N PRO A 662 -17.86 -23.81 11.47
CA PRO A 662 -16.44 -24.00 11.21
C PRO A 662 -16.05 -24.25 9.74
N GLU A 663 -16.99 -24.70 8.91
CA GLU A 663 -16.72 -24.96 7.50
C GLU A 663 -16.37 -23.71 6.67
N ILE A 664 -16.73 -22.52 7.12
CA ILE A 664 -16.40 -21.30 6.39
C ILE A 664 -14.88 -21.14 6.13
N TRP A 665 -14.03 -21.67 7.01
CA TRP A 665 -12.57 -21.43 6.88
C TRP A 665 -11.96 -22.24 5.74
N ALA A 666 -12.66 -23.29 5.30
CA ALA A 666 -12.25 -24.06 4.14
C ALA A 666 -12.55 -23.34 2.80
N HIS A 667 -13.24 -22.20 2.84
CA HIS A 667 -13.61 -21.46 1.63
C HIS A 667 -13.27 -19.97 1.76
N PRO A 668 -11.98 -19.66 1.91
CA PRO A 668 -11.59 -18.29 2.21
C PRO A 668 -11.68 -17.26 1.07
N ARG A 669 -11.95 -17.68 -0.18
CA ARG A 669 -12.17 -16.71 -1.27
C ARG A 669 -13.65 -16.63 -1.73
N GLN A 670 -14.58 -17.14 -0.92
CA GLN A 670 -15.97 -16.66 -1.01
C GLN A 670 -16.16 -15.58 0.01
N TYR A 671 -17.11 -14.70 -0.25
CA TYR A 671 -17.37 -13.59 0.62
C TYR A 671 -18.79 -13.08 0.43
N MET A 672 -19.26 -12.34 1.42
CA MET A 672 -20.53 -11.68 1.34
C MET A 672 -20.31 -10.28 0.73
N LEU A 673 -21.22 -9.86 -0.14
CA LEU A 673 -21.26 -8.49 -0.61
C LEU A 673 -22.47 -7.90 0.07
N GLY A 674 -22.25 -7.13 1.14
CA GLY A 674 -23.34 -6.73 2.02
C GLY A 674 -23.98 -7.90 2.74
N ASP A 675 -25.19 -7.67 3.25
CA ASP A 675 -25.91 -8.68 4.03
C ASP A 675 -26.47 -9.83 3.20
N GLU A 676 -26.78 -9.60 1.94
CA GLU A 676 -27.70 -10.50 1.22
C GLU A 676 -27.07 -11.42 0.16
N LEU A 677 -25.91 -11.05 -0.37
CA LEU A 677 -25.33 -11.76 -1.50
C LEU A 677 -24.05 -12.48 -1.12
N LEU A 678 -23.99 -13.77 -1.42
CA LEU A 678 -22.79 -14.57 -1.25
C LEU A 678 -22.12 -14.73 -2.62
N ILE A 679 -20.86 -14.30 -2.73
CA ILE A 679 -20.13 -14.29 -4.00
C ILE A 679 -19.03 -15.34 -4.00
N ASN A 680 -18.83 -16.01 -5.14
CA ASN A 680 -17.75 -16.99 -5.25
C ASN A 680 -17.10 -16.94 -6.63
N PRO A 681 -16.15 -16.00 -6.82
CA PRO A 681 -15.44 -15.86 -8.10
C PRO A 681 -14.82 -17.14 -8.63
N VAL A 682 -14.84 -17.30 -9.95
CA VAL A 682 -14.28 -18.48 -10.61
C VAL A 682 -12.83 -18.14 -10.95
N THR A 683 -11.89 -18.80 -10.27
CA THR A 683 -10.49 -18.40 -10.27
C THR A 683 -9.52 -19.39 -10.88
N ALA A 684 -10.05 -20.35 -11.64
CA ALA A 684 -9.20 -21.33 -12.31
C ALA A 684 -9.54 -21.39 -13.81
N PRO A 685 -8.51 -21.46 -14.69
CA PRO A 685 -8.81 -21.62 -16.10
C PRO A 685 -9.43 -22.98 -16.40
N GLY A 686 -10.35 -23.00 -17.35
CA GLY A 686 -10.93 -24.22 -17.83
C GLY A 686 -12.08 -24.71 -16.98
N ALA A 687 -12.50 -23.94 -15.97
CA ALA A 687 -13.60 -24.40 -15.10
C ALA A 687 -14.94 -24.35 -15.82
N THR A 688 -15.68 -25.46 -15.82
CA THR A 688 -17.06 -25.50 -16.35
C THR A 688 -18.11 -25.62 -15.24
N THR A 689 -17.70 -26.09 -14.05
CA THR A 689 -18.54 -26.03 -12.85
C THR A 689 -17.73 -25.42 -11.70
N TRP A 690 -18.43 -24.99 -10.65
CA TRP A 690 -17.80 -24.35 -9.50
C TRP A 690 -18.64 -24.64 -8.27
N THR A 691 -17.96 -24.94 -7.17
CA THR A 691 -18.61 -25.33 -5.93
C THR A 691 -18.52 -24.23 -4.88
N THR A 692 -19.64 -23.97 -4.22
CA THR A 692 -19.75 -22.96 -3.18
C THR A 692 -20.28 -23.60 -1.89
N TYR A 693 -19.67 -23.26 -0.74
CA TYR A 693 -20.27 -23.61 0.55
C TYR A 693 -21.34 -22.60 0.92
N LEU A 694 -22.56 -23.09 1.17
CA LEU A 694 -23.65 -22.26 1.66
C LEU A 694 -23.80 -22.48 3.14
N PRO A 695 -23.79 -21.41 3.93
CA PRO A 695 -24.11 -21.55 5.36
C PRO A 695 -25.62 -21.71 5.59
N GLU A 696 -26.02 -21.96 6.83
CA GLU A 696 -27.42 -22.28 7.17
C GLU A 696 -28.38 -21.19 6.71
N GLY A 697 -29.59 -21.60 6.32
CA GLY A 697 -30.60 -20.72 5.76
C GLY A 697 -30.90 -21.12 4.33
N GLN A 698 -31.89 -20.48 3.72
CA GLN A 698 -32.21 -20.72 2.31
C GLN A 698 -31.56 -19.67 1.39
N TRP A 699 -31.16 -20.12 0.22
CA TRP A 699 -30.39 -19.31 -0.73
C TRP A 699 -30.99 -19.44 -2.12
N GLU A 700 -31.06 -18.31 -2.83
CA GLU A 700 -31.61 -18.23 -4.18
C GLU A 700 -30.46 -17.95 -5.17
N ASP A 701 -30.39 -18.72 -6.27
CA ASP A 701 -29.44 -18.45 -7.35
C ASP A 701 -29.77 -17.10 -7.98
N TYR A 702 -28.76 -16.25 -8.09
CA TYR A 702 -28.95 -14.89 -8.59
C TYR A 702 -29.45 -14.86 -10.04
N TRP A 703 -29.06 -15.86 -10.81
CA TRP A 703 -29.25 -15.89 -12.26
C TRP A 703 -30.51 -16.68 -12.67
N SER A 704 -30.76 -17.80 -11.99
CA SER A 704 -31.84 -18.72 -12.38
C SER A 704 -33.03 -18.76 -11.43
N GLY A 705 -32.90 -18.17 -10.25
CA GLY A 705 -33.94 -18.27 -9.22
C GLY A 705 -34.00 -19.58 -8.42
N GLU A 706 -33.15 -20.56 -8.77
CA GLU A 706 -33.16 -21.87 -8.12
C GLU A 706 -32.83 -21.77 -6.62
N VAL A 707 -33.64 -22.42 -5.79
CA VAL A 707 -33.49 -22.36 -4.35
C VAL A 707 -32.66 -23.55 -3.84
N SER A 708 -31.73 -23.28 -2.92
CA SER A 708 -30.89 -24.31 -2.31
C SER A 708 -30.98 -24.22 -0.79
N GLU A 709 -30.99 -25.37 -0.13
CA GLU A 709 -30.88 -25.45 1.33
C GLU A 709 -29.43 -25.19 1.77
N GLY A 710 -29.28 -24.40 2.82
CA GLY A 710 -27.98 -24.06 3.37
C GLY A 710 -27.42 -25.15 4.25
N GLY A 711 -26.16 -24.98 4.62
CA GLY A 711 -25.40 -25.95 5.40
C GLY A 711 -24.77 -27.05 4.56
N HIS A 712 -24.60 -26.78 3.27
CA HIS A 712 -24.15 -27.78 2.29
C HIS A 712 -23.33 -27.12 1.19
N LEU A 713 -22.49 -27.93 0.53
CA LEU A 713 -21.84 -27.51 -0.71
C LEU A 713 -22.84 -27.60 -1.85
N VAL A 714 -22.77 -26.67 -2.79
CA VAL A 714 -23.57 -26.72 -4.03
C VAL A 714 -22.67 -26.50 -5.23
N THR A 715 -23.01 -27.12 -6.36
CA THR A 715 -22.26 -26.99 -7.59
C THR A 715 -23.11 -26.29 -8.68
N ARG A 716 -22.47 -25.45 -9.47
CA ARG A 716 -23.12 -24.54 -10.43
C ARG A 716 -22.33 -24.66 -11.73
N ALA A 717 -23.03 -24.87 -12.85
CA ALA A 717 -22.46 -24.62 -14.18
C ALA A 717 -21.98 -23.15 -14.27
N VAL A 718 -20.77 -22.93 -14.79
CA VAL A 718 -20.23 -21.56 -14.90
C VAL A 718 -19.73 -21.20 -16.31
N GLY A 719 -20.68 -21.01 -17.23
CA GLY A 719 -20.36 -20.33 -18.48
C GLY A 719 -19.81 -18.93 -18.15
N TRP A 720 -19.23 -18.25 -19.13
CA TRP A 720 -18.60 -16.96 -18.85
C TRP A 720 -19.61 -15.88 -18.44
N ASP A 721 -20.88 -16.06 -18.79
CA ASP A 721 -21.96 -15.17 -18.37
C ASP A 721 -22.47 -15.42 -16.95
N ILE A 722 -21.87 -16.37 -16.22
CA ILE A 722 -22.21 -16.66 -14.80
C ILE A 722 -20.99 -16.45 -13.91
N ILE A 723 -21.19 -15.80 -12.77
CA ILE A 723 -20.32 -15.92 -11.60
C ILE A 723 -21.25 -16.39 -10.46
N PRO A 724 -20.87 -17.45 -9.71
CA PRO A 724 -21.77 -17.93 -8.67
C PRO A 724 -22.08 -16.88 -7.60
N VAL A 725 -23.36 -16.58 -7.47
CA VAL A 725 -23.85 -15.56 -6.56
C VAL A 725 -25.16 -16.10 -6.01
N TYR A 726 -25.29 -16.09 -4.69
CA TYR A 726 -26.48 -16.60 -4.01
C TYR A 726 -27.05 -15.51 -3.11
N ARG A 727 -28.37 -15.32 -3.18
CA ARG A 727 -29.06 -14.31 -2.38
C ARG A 727 -29.83 -14.97 -1.25
N ARG A 728 -29.74 -14.42 -0.05
CA ARG A 728 -30.52 -14.95 1.08
C ARG A 728 -31.99 -14.91 0.74
N VAL A 729 -32.71 -15.99 1.06
CA VAL A 729 -34.13 -16.05 0.80
C VAL A 729 -34.84 -15.40 1.98
N GLY A 730 -35.52 -14.27 1.72
CA GLY A 730 -36.23 -13.54 2.77
C GLY A 730 -37.59 -14.11 3.08
N ALA A 731 -38.18 -13.61 4.15
CA ALA A 731 -39.53 -13.96 4.56
C ALA A 731 -40.50 -13.44 3.49
N ALA A 732 -41.57 -14.18 3.24
CA ALA A 732 -42.55 -13.78 2.23
C ALA A 732 -43.31 -12.53 2.69
C1 GLC B . 8.63 -0.74 -15.18
C2 GLC B . 7.50 -1.03 -16.17
C3 GLC B . 6.97 0.26 -16.79
C4 GLC B . 6.56 1.25 -15.71
C5 GLC B . 7.76 1.50 -14.78
C6 GLC B . 7.54 2.49 -13.63
O1 GLC B . 9.77 -0.22 -15.88
O2 GLC B . 7.99 -1.91 -17.20
O3 GLC B . 5.88 -0.07 -17.65
O4 GLC B . 6.14 2.50 -16.28
O5 GLC B . 8.17 0.23 -14.23
O6 GLC B . 6.23 2.39 -13.03
C1 GLC B . 6.03 1.17 -12.27
C2 GLC B . 4.56 1.10 -11.86
C3 GLC B . 4.25 2.11 -10.78
C4 GLC B . 5.17 1.89 -9.58
C5 GLC B . 6.61 2.02 -10.08
C6 GLC B . 7.64 1.85 -8.99
O2 GLC B . 3.73 1.30 -13.01
O3 GLC B . 2.87 1.98 -10.37
O4 GLC B . 4.87 2.83 -8.54
O5 GLC B . 6.88 1.06 -11.12
O6 GLC B . 7.73 0.48 -8.55
C2 BGC C . 0.16 3.17 -9.74
C3 BGC C . -0.30 2.78 -11.16
C4 BGC C . -0.10 3.97 -12.09
C5 BGC C . 1.35 4.48 -12.05
C6 BGC C . 1.45 5.77 -12.82
C1 BGC C . 1.03 4.43 -9.56
O2 BGC C . 0.24 2.13 -8.74
O3 BGC C . -1.67 2.36 -11.14
O4 BGC C . -0.46 3.62 -13.44
O5 BGC C . 1.86 4.68 -10.71
O6 BGC C . 2.82 6.15 -13.00
C1 GLC C . 3.18 6.40 -14.37
C2 GLC C . 4.70 6.57 -14.50
C3 GLC C . 5.16 7.92 -13.95
C4 GLC C . 4.31 9.05 -14.54
C5 GLC C . 2.84 8.79 -14.27
C6 GLC C . 1.94 9.88 -14.83
O2 GLC C . 5.39 5.53 -13.81
O3 GLC C . 6.55 8.11 -14.24
O4 GLC C . 4.73 10.30 -13.96
O5 GLC C . 2.47 7.54 -14.88
O6 GLC C . 2.03 9.91 -16.25
CA CA D . 18.91 -12.55 -9.17
CA CA E . 3.71 -10.10 -16.65
CA CA F . 9.31 -9.17 33.58
CA CA G . 0.65 34.36 -12.25
CA CA H . 11.90 -10.59 -12.80
CA CA I . 20.75 15.12 -16.78
CA CA J . 51.37 6.02 2.96
CA CA K . 12.65 3.32 16.78
C1 PGE L . 16.89 -8.48 12.25
O1 PGE L . 17.84 -9.10 13.13
C2 PGE L . 16.22 -7.29 12.93
O2 PGE L . 15.09 -7.76 13.66
C3 PGE L . 13.98 -6.86 13.69
C4 PGE L . 12.90 -7.49 14.55
O4 PGE L . 12.00 -11.52 13.43
C6 PGE L . 11.04 -10.68 14.08
C5 PGE L . 11.73 -9.56 14.83
O3 PGE L . 12.41 -8.67 13.94
#